data_8CG2
#
_entry.id   8CG2
#
_cell.length_a   142.744
_cell.length_b   85.381
_cell.length_c   111.474
_cell.angle_alpha   90.00
_cell.angle_beta   122.25
_cell.angle_gamma   90.00
#
_symmetry.space_group_name_H-M   'C 1 2 1'
#
loop_
_entity.id
_entity.type
_entity.pdbx_description
1 polymer Adenosylhomocysteinase
2 non-polymer NICOTINAMIDE-ADENINE-DINUCLEOTIDE
3 non-polymer 'POTASSIUM ION'
4 non-polymer 'PHOSPHATE ION'
5 non-polymer N-[3-(diethylamino)phenyl]ethanamide
6 non-polymer ADENINE
7 non-polymer 'DIMETHYL SULFOXIDE'
8 non-polymer GLYCEROL
9 water water
#
_entity_poly.entity_id   1
_entity_poly.type   'polypeptide(L)'
_entity_poly.pdbx_seq_one_letter_code
;SNAMSAVMTPAGFTDYKVADITLAAWGRRELIIAESEMPALMGLRRKYAGQQPLKGAKILGCIHMTIQTGVLIETLVALG
AEVRWSSCNIFSTQDQAAAAIAAAGIPVFAWKGETEEEYEWCIEQTILKDGQPWDANMVLDDGGDLTEILHKKYPQMLER
IHGITEETTTGVHRLLDMLKNGTLKVPAINVNDSVTKSKNDNKYGCRHSLNDAIKRGTDHLLSGKQALVIGYGDVGKGSS
QSLRQEGMIVKVAEVDPICAMQACMDGFEVVSPYKNGINDGTEASIDAALLGKIDLIVTTTGNVNVCDANMLKALKKRAV
VCNIGHFDNEIDTAFMRKNWAWEEVKPQVHKIHRTGKDGFDAHNDDYLILLAEGRLVNLGNATGHPSRIMDGSFANQVLA
QIHLFEQKYADLPAAEKAKRLSVEVLPKKLDEEVALEMVKGFGGVVTQLTPKQAEYIGVSVEGPFKPDTYRY
;
_entity_poly.pdbx_strand_id   A,C
#
# COMPACT_ATOMS: atom_id res chain seq x y z
N GLY A 12 20.46 -29.50 -14.01
CA GLY A 12 20.57 -29.19 -15.43
C GLY A 12 19.25 -28.86 -16.07
N PHE A 13 18.36 -28.25 -15.28
CA PHE A 13 17.04 -27.87 -15.77
C PHE A 13 17.13 -26.55 -16.54
N THR A 14 16.63 -26.55 -17.78
CA THR A 14 16.65 -25.36 -18.61
C THR A 14 15.31 -25.02 -19.24
N ASP A 15 14.25 -25.76 -18.91
CA ASP A 15 12.97 -25.68 -19.61
C ASP A 15 12.09 -24.62 -18.94
N TYR A 16 12.52 -23.36 -19.06
CA TYR A 16 11.85 -22.23 -18.41
C TYR A 16 12.39 -20.95 -19.03
N LYS A 17 11.69 -19.85 -18.79
CA LYS A 17 12.25 -18.52 -19.06
C LYS A 17 11.67 -17.53 -18.07
N VAL A 18 12.55 -16.93 -17.26
CA VAL A 18 12.17 -15.97 -16.24
C VAL A 18 13.14 -14.79 -16.29
N ALA A 19 12.79 -13.72 -15.58
CA ALA A 19 13.59 -12.50 -15.59
C ALA A 19 14.97 -12.73 -14.97
N ASP A 20 15.01 -13.40 -13.81
CA ASP A 20 16.26 -13.47 -13.04
C ASP A 20 16.13 -14.62 -12.05
N ILE A 21 16.80 -15.74 -12.36
CA ILE A 21 16.72 -16.95 -11.54
C ILE A 21 17.31 -16.73 -10.15
N THR A 22 18.16 -15.71 -9.98
CA THR A 22 18.72 -15.46 -8.66
C THR A 22 17.70 -14.91 -7.67
N LEU A 23 16.50 -14.53 -8.12
CA LEU A 23 15.44 -14.14 -7.21
C LEU A 23 14.75 -15.33 -6.55
N ALA A 24 15.19 -16.56 -6.84
CA ALA A 24 14.46 -17.75 -6.38
C ALA A 24 14.41 -17.85 -4.85
N ALA A 25 15.52 -17.61 -4.17
CA ALA A 25 15.51 -17.77 -2.71
C ALA A 25 14.53 -16.79 -2.05
N TRP A 26 14.48 -15.54 -2.53
CA TRP A 26 13.51 -14.60 -2.03
C TRP A 26 12.10 -15.10 -2.31
N GLY A 27 11.84 -15.56 -3.54
CA GLY A 27 10.53 -16.12 -3.87
C GLY A 27 10.16 -17.29 -2.97
N ARG A 28 11.13 -18.16 -2.69
CA ARG A 28 10.88 -19.31 -1.83
C ARG A 28 10.51 -18.87 -0.41
N ARG A 29 11.20 -17.85 0.12
CA ARG A 29 10.80 -17.34 1.43
C ARG A 29 9.37 -16.83 1.42
N GLU A 30 8.96 -16.14 0.36
CA GLU A 30 7.59 -15.64 0.29
C GLU A 30 6.60 -16.76 0.06
N LEU A 31 6.98 -17.82 -0.66
CA LEU A 31 6.08 -18.97 -0.77
C LEU A 31 5.84 -19.62 0.58
N ILE A 32 6.88 -19.71 1.43
CA ILE A 32 6.76 -20.34 2.73
C ILE A 32 5.83 -19.53 3.63
N ILE A 33 5.94 -18.19 3.57
CA ILE A 33 4.98 -17.33 4.29
C ILE A 33 3.58 -17.52 3.72
N ALA A 34 3.44 -17.52 2.39
CA ALA A 34 2.12 -17.65 1.77
C ALA A 34 1.44 -18.96 2.15
N GLU A 35 2.21 -20.05 2.27
CA GLU A 35 1.63 -21.32 2.71
C GLU A 35 0.94 -21.15 4.06
N SER A 36 1.55 -20.36 4.97
CA SER A 36 0.95 -20.16 6.29
C SER A 36 -0.30 -19.29 6.22
N GLU A 37 -0.50 -18.58 5.11
CA GLU A 37 -1.66 -17.72 4.89
C GLU A 37 -2.74 -18.38 4.04
N MET A 38 -2.56 -19.63 3.64
CA MET A 38 -3.46 -20.30 2.71
C MET A 38 -3.91 -21.65 3.28
N PRO A 39 -4.70 -21.62 4.36
CA PRO A 39 -5.06 -22.89 5.03
C PRO A 39 -5.97 -23.79 4.22
N ALA A 40 -6.88 -23.25 3.39
CA ALA A 40 -7.72 -24.14 2.58
C ALA A 40 -6.88 -24.89 1.57
N LEU A 41 -6.00 -24.16 0.88
CA LEU A 41 -5.16 -24.75 -0.14
C LEU A 41 -4.18 -25.76 0.46
N MET A 42 -3.50 -25.35 1.55
N MET A 42 -3.52 -25.38 1.56
CA MET A 42 -2.61 -26.26 2.25
CA MET A 42 -2.60 -26.31 2.19
C MET A 42 -3.38 -27.48 2.75
C MET A 42 -3.32 -27.47 2.87
N GLY A 43 -4.58 -27.26 3.29
CA GLY A 43 -5.37 -28.37 3.79
C GLY A 43 -5.64 -29.41 2.70
N LEU A 44 -5.88 -28.94 1.47
CA LEU A 44 -6.08 -29.87 0.35
C LEU A 44 -4.79 -30.60 0.03
N ARG A 45 -3.65 -29.91 0.12
CA ARG A 45 -2.38 -30.58 -0.09
C ARG A 45 -2.20 -31.72 0.91
N ARG A 46 -2.47 -31.45 2.18
CA ARG A 46 -2.33 -32.48 3.21
C ARG A 46 -3.34 -33.60 3.01
N LYS A 47 -4.57 -33.25 2.66
CA LYS A 47 -5.65 -34.23 2.57
C LYS A 47 -5.42 -35.23 1.44
N TYR A 48 -4.95 -34.73 0.28
CA TYR A 48 -4.91 -35.53 -0.95
C TYR A 48 -3.52 -36.02 -1.30
N ALA A 49 -2.49 -35.63 -0.55
CA ALA A 49 -1.13 -35.98 -0.93
C ALA A 49 -0.93 -37.50 -1.01
N GLY A 50 -1.49 -38.24 -0.05
CA GLY A 50 -1.32 -39.68 -0.07
C GLY A 50 -2.00 -40.35 -1.24
N GLN A 51 -3.15 -39.82 -1.65
CA GLN A 51 -3.96 -40.42 -2.71
C GLN A 51 -3.44 -40.09 -4.11
N GLN A 52 -2.67 -39.01 -4.26
CA GLN A 52 -2.15 -38.57 -5.55
C GLN A 52 -3.23 -38.49 -6.63
N PRO A 53 -4.31 -37.73 -6.41
CA PRO A 53 -5.44 -37.77 -7.35
C PRO A 53 -5.13 -37.15 -8.69
N LEU A 54 -4.01 -36.42 -8.82
CA LEU A 54 -3.60 -35.83 -10.09
C LEU A 54 -2.43 -36.57 -10.72
N LYS A 55 -2.13 -37.78 -10.25
CA LYS A 55 -1.11 -38.60 -10.90
C LYS A 55 -1.51 -38.85 -12.35
N GLY A 56 -0.63 -38.50 -13.28
CA GLY A 56 -0.90 -38.62 -14.69
C GLY A 56 -1.48 -37.37 -15.32
N ALA A 57 -1.90 -36.40 -14.53
CA ALA A 57 -2.38 -35.14 -15.08
C ALA A 57 -1.22 -34.33 -15.64
N LYS A 58 -1.45 -33.69 -16.78
CA LYS A 58 -0.47 -32.81 -17.40
C LYS A 58 -1.20 -31.52 -17.72
N ILE A 59 -0.97 -30.50 -16.89
CA ILE A 59 -1.80 -29.31 -16.85
C ILE A 59 -1.08 -28.16 -17.55
N LEU A 60 -1.72 -27.61 -18.58
CA LEU A 60 -1.33 -26.30 -19.10
C LEU A 60 -2.00 -25.24 -18.24
N GLY A 61 -1.19 -24.39 -17.60
CA GLY A 61 -1.70 -23.32 -16.75
C GLY A 61 -1.38 -21.95 -17.28
N CYS A 62 -2.36 -21.06 -17.27
CA CYS A 62 -2.17 -19.68 -17.75
C CYS A 62 -2.88 -18.78 -16.74
N ILE A 63 -2.12 -18.29 -15.76
CA ILE A 63 -2.65 -17.41 -14.75
C ILE A 63 -1.49 -16.68 -14.11
N HIS A 64 -1.73 -15.38 -13.85
CA HIS A 64 -0.80 -14.46 -13.20
C HIS A 64 0.26 -15.18 -12.35
N MET A 65 1.53 -15.07 -12.72
CA MET A 65 2.59 -15.85 -12.05
C MET A 65 3.05 -15.11 -10.79
N THR A 66 2.17 -15.12 -9.78
CA THR A 66 2.39 -14.49 -8.48
C THR A 66 2.83 -15.52 -7.47
N ILE A 67 3.15 -15.05 -6.26
CA ILE A 67 3.45 -15.96 -5.15
C ILE A 67 2.26 -16.87 -4.88
N GLN A 68 1.04 -16.32 -4.98
CA GLN A 68 -0.15 -17.11 -4.71
C GLN A 68 -0.32 -18.21 -5.74
N THR A 69 -0.10 -17.90 -7.03
CA THR A 69 -0.12 -18.93 -8.06
C THR A 69 0.98 -19.97 -7.84
N GLY A 70 2.13 -19.56 -7.29
CA GLY A 70 3.16 -20.52 -6.93
C GLY A 70 2.67 -21.58 -5.97
N VAL A 71 1.93 -21.16 -4.93
CA VAL A 71 1.39 -22.14 -3.98
C VAL A 71 0.37 -23.04 -4.67
N LEU A 72 -0.43 -22.48 -5.58
CA LEU A 72 -1.34 -23.31 -6.38
C LEU A 72 -0.58 -24.35 -7.21
N ILE A 73 0.42 -23.89 -7.98
CA ILE A 73 1.22 -24.80 -8.81
C ILE A 73 1.78 -25.93 -7.98
N GLU A 74 2.41 -25.60 -6.85
CA GLU A 74 3.06 -26.63 -6.05
C GLU A 74 2.05 -27.53 -5.36
N THR A 75 0.82 -27.08 -5.15
CA THR A 75 -0.22 -27.98 -4.67
C THR A 75 -0.60 -28.98 -5.75
N LEU A 76 -0.80 -28.52 -6.98
CA LEU A 76 -1.11 -29.45 -8.07
C LEU A 76 0.00 -30.48 -8.25
N VAL A 77 1.26 -30.01 -8.26
CA VAL A 77 2.41 -30.91 -8.35
C VAL A 77 2.44 -31.89 -7.18
N ALA A 78 2.18 -31.39 -5.96
CA ALA A 78 2.21 -32.26 -4.79
C ALA A 78 1.15 -33.35 -4.87
N LEU A 79 0.06 -33.07 -5.58
CA LEU A 79 -1.01 -34.04 -5.79
C LEU A 79 -0.76 -34.95 -6.98
N GLY A 80 0.39 -34.81 -7.65
CA GLY A 80 0.79 -35.73 -8.70
C GLY A 80 0.91 -35.11 -10.09
N ALA A 81 0.44 -33.88 -10.29
CA ALA A 81 0.42 -33.30 -11.62
C ALA A 81 1.81 -32.95 -12.13
N GLU A 82 1.96 -32.99 -13.46
CA GLU A 82 2.99 -32.21 -14.15
C GLU A 82 2.32 -30.98 -14.75
N VAL A 83 3.06 -29.88 -14.83
CA VAL A 83 2.51 -28.63 -15.33
C VAL A 83 3.49 -27.93 -16.25
N ARG A 84 2.95 -27.07 -17.12
CA ARG A 84 3.72 -26.08 -17.87
C ARG A 84 2.96 -24.76 -17.77
N TRP A 85 3.63 -23.71 -17.32
CA TRP A 85 2.96 -22.52 -16.81
C TRP A 85 3.37 -21.23 -17.54
N SER A 86 2.40 -20.34 -17.72
CA SER A 86 2.64 -18.97 -18.17
C SER A 86 1.72 -18.03 -17.41
N SER A 87 2.01 -16.73 -17.50
CA SER A 87 1.11 -15.72 -16.92
C SER A 87 0.00 -15.38 -17.92
N CYS A 88 -1.13 -14.91 -17.39
CA CYS A 88 -2.20 -14.43 -18.26
C CYS A 88 -2.19 -12.92 -18.43
N ASN A 89 -1.13 -12.24 -18.02
CA ASN A 89 -1.04 -10.81 -18.26
C ASN A 89 0.43 -10.43 -18.35
N ILE A 90 0.72 -9.43 -19.20
CA ILE A 90 2.11 -9.03 -19.41
C ILE A 90 2.75 -8.38 -18.18
N PHE A 91 1.98 -7.82 -17.25
CA PHE A 91 2.56 -7.12 -16.10
C PHE A 91 2.30 -7.79 -14.75
N SER A 92 1.66 -8.95 -14.71
CA SER A 92 1.20 -9.45 -13.42
C SER A 92 2.16 -10.43 -12.76
N THR A 93 3.20 -10.89 -13.45
CA THR A 93 4.15 -11.80 -12.83
C THR A 93 4.92 -11.09 -11.71
N GLN A 94 5.15 -11.80 -10.62
CA GLN A 94 6.16 -11.42 -9.63
C GLN A 94 7.40 -12.23 -9.97
N ASP A 95 8.48 -11.54 -10.35
CA ASP A 95 9.65 -12.25 -10.87
C ASP A 95 10.25 -13.20 -9.83
N GLN A 96 10.13 -12.88 -8.53
CA GLN A 96 10.66 -13.81 -7.54
C GLN A 96 9.82 -15.08 -7.46
N ALA A 97 8.51 -14.98 -7.72
CA ALA A 97 7.66 -16.17 -7.73
C ALA A 97 8.02 -17.06 -8.92
N ALA A 98 8.14 -16.44 -10.11
CA ALA A 98 8.53 -17.18 -11.29
C ALA A 98 9.87 -17.86 -11.09
N ALA A 99 10.83 -17.14 -10.49
CA ALA A 99 12.16 -17.72 -10.26
C ALA A 99 12.09 -18.91 -9.32
N ALA A 100 11.29 -18.81 -8.25
CA ALA A 100 11.24 -19.91 -7.29
C ALA A 100 10.64 -21.16 -7.93
N ILE A 101 9.65 -20.99 -8.80
CA ILE A 101 9.03 -22.12 -9.48
C ILE A 101 10.00 -22.76 -10.48
N ALA A 102 10.68 -21.94 -11.28
CA ALA A 102 11.68 -22.46 -12.21
C ALA A 102 12.79 -23.17 -11.47
N ALA A 103 13.24 -22.60 -10.34
CA ALA A 103 14.31 -23.24 -9.57
C ALA A 103 13.90 -24.58 -8.99
N ALA A 104 12.59 -24.81 -8.84
CA ALA A 104 12.07 -26.08 -8.36
C ALA A 104 11.96 -27.11 -9.47
N GLY A 105 12.38 -26.79 -10.69
CA GLY A 105 12.29 -27.72 -11.81
C GLY A 105 10.97 -27.76 -12.52
N ILE A 106 10.16 -26.70 -12.38
CA ILE A 106 8.84 -26.63 -12.98
C ILE A 106 8.90 -25.70 -14.19
N PRO A 107 8.45 -26.14 -15.37
CA PRO A 107 8.50 -25.26 -16.56
C PRO A 107 7.55 -24.06 -16.40
N VAL A 108 8.13 -22.87 -16.44
CA VAL A 108 7.38 -21.63 -16.31
C VAL A 108 8.00 -20.61 -17.25
N PHE A 109 7.16 -19.88 -17.98
CA PHE A 109 7.59 -18.88 -18.95
C PHE A 109 6.83 -17.61 -18.62
N ALA A 110 7.47 -16.72 -17.87
CA ALA A 110 6.76 -15.57 -17.31
C ALA A 110 7.75 -14.56 -16.74
N TRP A 111 7.52 -13.28 -17.03
CA TRP A 111 8.24 -12.21 -16.37
C TRP A 111 7.36 -10.97 -16.36
N LYS A 112 7.66 -10.07 -15.42
CA LYS A 112 6.93 -8.80 -15.39
C LYS A 112 7.44 -7.89 -16.51
N GLY A 113 6.51 -7.30 -17.27
CA GLY A 113 6.87 -6.42 -18.36
C GLY A 113 7.14 -7.10 -19.69
N GLU A 114 6.45 -8.20 -19.99
CA GLU A 114 6.51 -8.79 -21.31
C GLU A 114 5.94 -7.83 -22.37
N THR A 115 6.38 -8.01 -23.61
CA THR A 115 5.68 -7.45 -24.75
C THR A 115 4.54 -8.39 -25.13
N GLU A 116 3.63 -7.91 -26.00
CA GLU A 116 2.57 -8.81 -26.47
C GLU A 116 3.15 -10.00 -27.22
N GLU A 117 4.20 -9.78 -28.02
CA GLU A 117 4.83 -10.91 -28.70
C GLU A 117 5.41 -11.91 -27.70
N GLU A 118 6.08 -11.41 -26.67
CA GLU A 118 6.63 -12.31 -25.65
C GLU A 118 5.51 -13.02 -24.91
N TYR A 119 4.37 -12.35 -24.70
CA TYR A 119 3.23 -12.97 -24.04
C TYR A 119 2.75 -14.21 -24.81
N GLU A 120 2.55 -14.07 -26.12
CA GLU A 120 2.13 -15.22 -26.92
C GLU A 120 3.21 -16.29 -26.97
N TRP A 121 4.47 -15.87 -27.03
CA TRP A 121 5.56 -16.86 -27.05
C TRP A 121 5.56 -17.68 -25.77
N CYS A 122 5.32 -17.04 -24.62
CA CYS A 122 5.28 -17.76 -23.35
C CYS A 122 4.18 -18.80 -23.32
N ILE A 123 2.98 -18.43 -23.76
CA ILE A 123 1.90 -19.43 -23.84
C ILE A 123 2.31 -20.57 -24.77
N GLU A 124 2.93 -20.24 -25.91
CA GLU A 124 3.37 -21.26 -26.84
C GLU A 124 4.41 -22.19 -26.22
N GLN A 125 5.27 -21.68 -25.33
CA GLN A 125 6.25 -22.57 -24.70
C GLN A 125 5.61 -23.57 -23.76
N THR A 126 4.42 -23.26 -23.21
CA THR A 126 3.73 -24.26 -22.42
C THR A 126 3.10 -25.31 -23.32
N ILE A 127 2.54 -24.88 -24.46
CA ILE A 127 1.83 -25.80 -25.36
C ILE A 127 2.80 -26.74 -26.06
N LEU A 128 3.98 -26.24 -26.44
CA LEU A 128 4.97 -27.01 -27.17
C LEU A 128 6.06 -27.45 -26.20
N LYS A 129 6.45 -28.71 -26.27
CA LYS A 129 7.62 -29.21 -25.56
C LYS A 129 8.54 -29.85 -26.59
N ASP A 130 9.78 -29.35 -26.67
CA ASP A 130 10.73 -29.85 -27.65
C ASP A 130 10.20 -29.69 -29.08
N GLY A 131 9.51 -28.58 -29.32
CA GLY A 131 9.05 -28.25 -30.64
C GLY A 131 7.80 -28.96 -31.09
N GLN A 132 7.24 -29.86 -30.28
CA GLN A 132 6.03 -30.60 -30.60
C GLN A 132 5.00 -30.39 -29.50
N PRO A 133 3.71 -30.52 -29.80
CA PRO A 133 2.70 -30.37 -28.75
C PRO A 133 3.00 -31.29 -27.57
N TRP A 134 2.98 -30.70 -26.38
CA TRP A 134 3.04 -31.49 -25.16
C TRP A 134 1.81 -32.38 -25.07
N ASP A 135 1.95 -33.53 -24.40
CA ASP A 135 0.79 -34.41 -24.21
C ASP A 135 -0.06 -33.94 -23.03
N ALA A 136 -0.50 -32.70 -23.13
CA ALA A 136 -1.34 -32.11 -22.09
C ALA A 136 -2.69 -32.82 -22.01
N ASN A 137 -3.26 -32.88 -20.81
CA ASN A 137 -4.61 -33.43 -20.69
C ASN A 137 -5.52 -32.61 -19.79
N MET A 138 -5.07 -31.45 -19.28
CA MET A 138 -5.87 -30.59 -18.43
C MET A 138 -5.47 -29.15 -18.71
N VAL A 139 -6.41 -28.22 -18.49
CA VAL A 139 -6.18 -26.80 -18.72
C VAL A 139 -6.65 -26.02 -17.50
N LEU A 140 -5.82 -25.10 -17.02
CA LEU A 140 -6.22 -24.14 -16.00
C LEU A 140 -5.95 -22.76 -16.58
N ASP A 141 -6.98 -21.91 -16.65
CA ASP A 141 -6.91 -20.66 -17.40
C ASP A 141 -7.54 -19.55 -16.57
N ASP A 142 -7.09 -18.32 -16.82
CA ASP A 142 -7.63 -17.12 -16.18
C ASP A 142 -7.81 -16.09 -17.28
N GLY A 143 -9.03 -15.97 -17.79
CA GLY A 143 -9.35 -15.01 -18.83
C GLY A 143 -9.61 -15.61 -20.21
N GLY A 144 -9.25 -16.87 -20.44
CA GLY A 144 -9.60 -17.54 -21.66
C GLY A 144 -8.61 -17.44 -22.81
N ASP A 145 -7.44 -16.81 -22.61
CA ASP A 145 -6.49 -16.69 -23.71
C ASP A 145 -5.90 -18.05 -24.12
N LEU A 146 -5.47 -18.84 -23.15
CA LEU A 146 -4.97 -20.19 -23.46
C LEU A 146 -6.07 -21.03 -24.09
N THR A 147 -7.28 -20.97 -23.52
CA THR A 147 -8.39 -21.75 -24.07
C THR A 147 -8.66 -21.40 -25.52
N GLU A 148 -8.58 -20.10 -25.85
CA GLU A 148 -8.83 -19.66 -27.23
C GLU A 148 -7.74 -20.15 -28.17
N ILE A 149 -6.47 -20.01 -27.77
CA ILE A 149 -5.35 -20.48 -28.59
C ILE A 149 -5.46 -21.97 -28.86
N LEU A 150 -5.80 -22.75 -27.84
CA LEU A 150 -5.98 -24.19 -28.05
C LEU A 150 -7.07 -24.48 -29.08
N HIS A 151 -8.23 -23.85 -28.94
CA HIS A 151 -9.33 -24.11 -29.86
C HIS A 151 -9.01 -23.66 -31.28
N LYS A 152 -8.35 -22.51 -31.41
CA LYS A 152 -8.14 -21.95 -32.74
C LYS A 152 -6.91 -22.56 -33.43
N LYS A 153 -5.81 -22.72 -32.69
CA LYS A 153 -4.53 -23.07 -33.28
C LYS A 153 -4.09 -24.50 -33.01
N TYR A 154 -4.54 -25.12 -31.93
CA TYR A 154 -4.13 -26.49 -31.60
C TYR A 154 -5.33 -27.39 -31.32
N PRO A 155 -6.32 -27.43 -32.22
CA PRO A 155 -7.53 -28.21 -31.90
C PRO A 155 -7.27 -29.68 -31.67
N GLN A 156 -6.26 -30.27 -32.32
CA GLN A 156 -5.98 -31.69 -32.09
C GLN A 156 -5.58 -31.96 -30.64
N MET A 157 -4.95 -30.98 -29.98
CA MET A 157 -4.59 -31.19 -28.59
C MET A 157 -5.81 -31.33 -27.69
N LEU A 158 -6.92 -30.68 -28.06
CA LEU A 158 -8.13 -30.79 -27.24
C LEU A 158 -8.73 -32.18 -27.29
N GLU A 159 -8.34 -33.00 -28.26
CA GLU A 159 -8.81 -34.38 -28.31
C GLU A 159 -8.35 -35.19 -27.11
N ARG A 160 -7.28 -34.77 -26.43
CA ARG A 160 -6.71 -35.49 -25.30
C ARG A 160 -6.97 -34.81 -23.97
N ILE A 161 -7.66 -33.68 -23.95
CA ILE A 161 -7.79 -32.88 -22.74
C ILE A 161 -9.13 -33.19 -22.09
N HIS A 162 -9.11 -33.40 -20.77
CA HIS A 162 -10.32 -33.79 -20.05
C HIS A 162 -11.16 -32.61 -19.60
N GLY A 163 -10.59 -31.41 -19.49
CA GLY A 163 -11.37 -30.29 -19.01
C GLY A 163 -10.54 -29.03 -18.87
N ILE A 164 -11.26 -27.91 -18.73
CA ILE A 164 -10.72 -26.58 -18.46
C ILE A 164 -11.31 -26.13 -17.12
N THR A 165 -10.46 -25.58 -16.25
CA THR A 165 -10.94 -24.91 -15.05
C THR A 165 -10.62 -23.41 -15.20
N GLU A 166 -11.67 -22.59 -15.29
CA GLU A 166 -11.56 -21.18 -15.63
C GLU A 166 -11.78 -20.30 -14.40
N GLU A 167 -10.84 -19.37 -14.20
CA GLU A 167 -10.75 -18.58 -12.97
C GLU A 167 -11.73 -17.40 -12.93
N THR A 168 -11.94 -16.69 -14.04
CA THR A 168 -12.43 -15.32 -13.91
C THR A 168 -13.67 -15.04 -14.76
N THR A 169 -14.37 -13.97 -14.37
CA THR A 169 -15.65 -13.62 -14.98
C THR A 169 -15.53 -13.52 -16.50
N THR A 170 -14.51 -12.83 -16.99
CA THR A 170 -14.34 -12.66 -18.43
C THR A 170 -14.10 -14.00 -19.12
N GLY A 171 -13.28 -14.86 -18.51
CA GLY A 171 -13.04 -16.16 -19.11
C GLY A 171 -14.28 -17.03 -19.14
N VAL A 172 -15.12 -16.95 -18.10
CA VAL A 172 -16.37 -17.70 -18.12
C VAL A 172 -17.27 -17.22 -19.25
N HIS A 173 -17.37 -15.90 -19.43
CA HIS A 173 -18.17 -15.38 -20.54
C HIS A 173 -17.72 -15.98 -21.86
N ARG A 174 -16.40 -16.02 -22.09
CA ARG A 174 -15.87 -16.60 -23.33
C ARG A 174 -16.24 -18.07 -23.46
N LEU A 175 -16.19 -18.83 -22.36
CA LEU A 175 -16.58 -20.25 -22.41
C LEU A 175 -18.04 -20.41 -22.75
N LEU A 176 -18.90 -19.61 -22.14
CA LEU A 176 -20.33 -19.75 -22.40
C LEU A 176 -20.65 -19.39 -23.84
N ASP A 177 -19.95 -18.40 -24.41
CA ASP A 177 -20.10 -18.09 -25.83
C ASP A 177 -19.73 -19.30 -26.69
N MET A 178 -18.62 -19.97 -26.37
CA MET A 178 -18.23 -21.16 -27.12
C MET A 178 -19.30 -22.24 -27.00
N LEU A 179 -19.79 -22.47 -25.78
CA LEU A 179 -20.80 -23.49 -25.57
C LEU A 179 -22.05 -23.17 -26.39
N LYS A 180 -22.51 -21.92 -26.34
CA LYS A 180 -23.71 -21.51 -27.08
C LYS A 180 -23.51 -21.70 -28.58
N ASN A 181 -22.30 -21.46 -29.07
CA ASN A 181 -22.01 -21.58 -30.50
C ASN A 181 -21.68 -23.00 -30.91
N GLY A 182 -21.56 -23.93 -29.97
CA GLY A 182 -21.18 -25.28 -30.32
C GLY A 182 -19.73 -25.46 -30.68
N THR A 183 -18.86 -24.55 -30.23
CA THR A 183 -17.43 -24.62 -30.53
C THR A 183 -16.58 -25.05 -29.35
N LEU A 184 -17.14 -25.14 -28.14
CA LEU A 184 -16.39 -25.64 -27.01
C LEU A 184 -16.17 -27.14 -27.16
N LYS A 185 -14.91 -27.57 -27.01
CA LYS A 185 -14.53 -28.94 -27.33
C LYS A 185 -14.36 -29.84 -26.12
N VAL A 186 -14.20 -29.26 -24.93
CA VAL A 186 -14.05 -30.03 -23.69
C VAL A 186 -14.87 -29.36 -22.60
N PRO A 187 -15.29 -30.13 -21.60
CA PRO A 187 -16.09 -29.55 -20.51
C PRO A 187 -15.24 -28.65 -19.65
N ALA A 188 -15.92 -27.77 -18.92
CA ALA A 188 -15.23 -26.80 -18.10
C ALA A 188 -15.93 -26.64 -16.76
N ILE A 189 -15.16 -26.23 -15.75
CA ILE A 189 -15.70 -25.78 -14.48
C ILE A 189 -15.47 -24.27 -14.36
N ASN A 190 -16.56 -23.56 -14.10
CA ASN A 190 -16.57 -22.14 -13.78
C ASN A 190 -16.18 -22.03 -12.31
N VAL A 191 -14.89 -21.78 -12.07
CA VAL A 191 -14.39 -21.59 -10.72
C VAL A 191 -14.81 -20.22 -10.19
N ASN A 192 -14.97 -19.23 -11.08
CA ASN A 192 -15.33 -17.88 -10.65
C ASN A 192 -16.56 -17.88 -9.76
N ASP A 193 -17.56 -18.71 -10.06
CA ASP A 193 -18.86 -18.57 -9.41
C ASP A 193 -19.01 -19.36 -8.12
N SER A 194 -17.96 -20.00 -7.60
CA SER A 194 -18.03 -20.38 -6.20
C SER A 194 -18.17 -19.11 -5.37
N VAL A 195 -18.90 -19.20 -4.26
CA VAL A 195 -19.01 -18.03 -3.40
C VAL A 195 -17.66 -17.69 -2.79
N THR A 196 -16.88 -18.70 -2.43
CA THR A 196 -15.53 -18.50 -1.90
C THR A 196 -14.56 -18.03 -2.96
N LYS A 197 -15.02 -17.82 -4.19
CA LYS A 197 -14.23 -17.14 -5.21
C LYS A 197 -14.86 -15.78 -5.51
N SER A 198 -15.98 -15.76 -6.23
CA SER A 198 -16.60 -14.50 -6.67
C SER A 198 -16.79 -13.49 -5.54
N LYS A 199 -17.33 -13.91 -4.40
CA LYS A 199 -17.71 -12.97 -3.34
C LYS A 199 -16.63 -12.82 -2.30
N ASN A 200 -15.40 -13.19 -2.66
CA ASN A 200 -14.21 -13.17 -1.81
C ASN A 200 -13.11 -12.51 -2.62
N ASP A 201 -12.52 -13.26 -3.57
CA ASP A 201 -11.54 -12.75 -4.54
C ASP A 201 -12.04 -11.51 -5.28
N ASN A 202 -13.16 -11.61 -6.01
CA ASN A 202 -13.51 -10.52 -6.93
C ASN A 202 -13.78 -9.24 -6.17
N LYS A 203 -14.42 -9.35 -4.99
CA LYS A 203 -14.79 -8.19 -4.19
C LYS A 203 -13.69 -7.81 -3.20
N TYR A 204 -13.46 -8.67 -2.19
CA TYR A 204 -12.53 -8.29 -1.14
C TYR A 204 -11.09 -8.20 -1.65
N GLY A 205 -10.73 -9.02 -2.64
CA GLY A 205 -9.39 -8.93 -3.20
C GLY A 205 -9.12 -7.55 -3.76
N CYS A 206 -10.10 -6.97 -4.46
CA CYS A 206 -9.95 -5.63 -5.02
C CYS A 206 -9.99 -4.57 -3.94
N ARG A 207 -10.78 -4.79 -2.87
CA ARG A 207 -10.74 -3.89 -1.72
CA ARG A 207 -10.74 -3.89 -1.73
C ARG A 207 -9.32 -3.77 -1.16
N HIS A 208 -8.62 -4.90 -1.03
CA HIS A 208 -7.26 -4.88 -0.50
C HIS A 208 -6.27 -4.25 -1.47
N SER A 209 -6.38 -4.56 -2.75
CA SER A 209 -5.28 -4.34 -3.66
C SER A 209 -5.44 -3.13 -4.59
N LEU A 210 -6.62 -2.53 -4.70
CA LEU A 210 -6.76 -1.36 -5.56
C LEU A 210 -6.02 -0.15 -4.96
N ASN A 211 -6.37 0.21 -3.71
CA ASN A 211 -5.67 1.34 -3.10
CA ASN A 211 -5.67 1.33 -3.08
C ASN A 211 -4.18 1.04 -2.95
N ASP A 212 -3.83 -0.23 -2.77
CA ASP A 212 -2.42 -0.64 -2.65
C ASP A 212 -1.68 -0.26 -3.92
N ALA A 213 -2.23 -0.63 -5.08
CA ALA A 213 -1.59 -0.35 -6.35
C ALA A 213 -1.50 1.14 -6.63
N ILE A 214 -2.56 1.89 -6.31
CA ILE A 214 -2.52 3.33 -6.57
C ILE A 214 -1.46 3.98 -5.70
N LYS A 215 -1.38 3.57 -4.43
CA LYS A 215 -0.34 4.11 -3.54
C LYS A 215 1.05 3.77 -4.06
N ARG A 216 1.29 2.52 -4.44
CA ARG A 216 2.63 2.15 -4.93
C ARG A 216 2.99 2.92 -6.19
N GLY A 217 2.04 3.13 -7.09
CA GLY A 217 2.36 3.77 -8.35
C GLY A 217 2.59 5.27 -8.24
N THR A 218 1.77 5.94 -7.40
CA THR A 218 1.75 7.39 -7.34
C THR A 218 2.08 7.97 -5.98
N ASP A 219 1.90 7.20 -4.91
CA ASP A 219 1.99 7.71 -3.54
C ASP A 219 1.03 8.88 -3.29
N HIS A 220 -0.06 8.94 -4.06
CA HIS A 220 -1.04 10.00 -3.88
C HIS A 220 -1.85 9.80 -2.61
N LEU A 221 -2.01 10.88 -1.84
CA LEU A 221 -3.11 10.95 -0.88
C LEU A 221 -4.42 10.69 -1.61
N LEU A 222 -5.26 9.83 -1.03
CA LEU A 222 -6.57 9.58 -1.61
C LEU A 222 -7.69 10.27 -0.85
N SER A 223 -7.54 10.43 0.47
CA SER A 223 -8.54 11.09 1.30
CA SER A 223 -8.57 11.08 1.27
C SER A 223 -8.86 12.48 0.74
N GLY A 224 -10.17 12.79 0.65
CA GLY A 224 -10.61 14.12 0.27
C GLY A 224 -10.71 14.35 -1.23
N LYS A 225 -10.25 13.42 -2.05
CA LYS A 225 -10.28 13.54 -3.51
C LYS A 225 -11.48 12.79 -4.08
N GLN A 226 -11.80 13.11 -5.33
CA GLN A 226 -13.00 12.61 -6.01
CA GLN A 226 -13.00 12.59 -5.99
C GLN A 226 -12.62 11.43 -6.90
N ALA A 227 -13.32 10.32 -6.75
CA ALA A 227 -13.15 9.15 -7.60
C ALA A 227 -14.44 8.88 -8.36
N LEU A 228 -14.29 8.28 -9.54
CA LEU A 228 -15.39 7.74 -10.30
C LEU A 228 -15.07 6.28 -10.59
N VAL A 229 -15.91 5.36 -10.12
CA VAL A 229 -15.74 3.93 -10.36
C VAL A 229 -16.77 3.55 -11.41
N ILE A 230 -16.31 3.03 -12.55
CA ILE A 230 -17.20 2.58 -13.60
C ILE A 230 -17.49 1.10 -13.39
N GLY A 231 -18.73 0.80 -12.99
CA GLY A 231 -19.14 -0.56 -12.70
C GLY A 231 -19.29 -0.79 -11.21
N TYR A 232 -20.24 -1.65 -10.86
CA TYR A 232 -20.54 -1.97 -9.46
C TYR A 232 -21.00 -3.43 -9.34
N GLY A 233 -20.36 -4.32 -10.12
CA GLY A 233 -20.41 -5.76 -9.88
C GLY A 233 -19.48 -6.09 -8.74
N ASP A 234 -18.99 -7.33 -8.71
CA ASP A 234 -18.14 -7.71 -7.58
C ASP A 234 -16.85 -6.88 -7.53
N VAL A 235 -16.16 -6.72 -8.66
CA VAL A 235 -14.94 -5.92 -8.68
C VAL A 235 -15.24 -4.45 -8.38
N GLY A 236 -16.32 -3.90 -8.99
CA GLY A 236 -16.70 -2.52 -8.70
C GLY A 236 -17.07 -2.30 -7.24
N LYS A 237 -17.75 -3.28 -6.62
CA LYS A 237 -18.05 -3.14 -5.19
C LYS A 237 -16.78 -3.06 -4.37
N GLY A 238 -15.85 -4.00 -4.61
CA GLY A 238 -14.62 -4.02 -3.82
C GLY A 238 -13.76 -2.79 -4.07
N SER A 239 -13.72 -2.35 -5.33
CA SER A 239 -12.93 -1.18 -5.72
C SER A 239 -13.47 0.08 -5.06
N SER A 240 -14.80 0.26 -5.09
CA SER A 240 -15.40 1.43 -4.46
C SER A 240 -15.10 1.48 -2.97
N GLN A 241 -15.11 0.31 -2.32
CA GLN A 241 -14.81 0.26 -0.89
C GLN A 241 -13.34 0.54 -0.64
N SER A 242 -12.46 0.05 -1.53
CA SER A 242 -11.03 0.31 -1.40
C SER A 242 -10.76 1.81 -1.33
N LEU A 243 -11.51 2.58 -2.12
CA LEU A 243 -11.34 4.01 -2.21
C LEU A 243 -12.10 4.75 -1.10
N ARG A 244 -13.33 4.33 -0.82
N ARG A 244 -13.34 4.35 -0.81
CA ARG A 244 -14.13 5.00 0.20
CA ARG A 244 -14.07 5.07 0.20
C ARG A 244 -13.52 4.85 1.59
C ARG A 244 -13.46 4.89 1.59
N GLN A 245 -12.95 3.70 1.89
CA GLN A 245 -12.37 3.49 3.22
C GLN A 245 -11.13 4.34 3.44
N GLU A 246 -10.47 4.79 2.36
CA GLU A 246 -9.37 5.76 2.42
C GLU A 246 -9.87 7.20 2.52
N GLY A 247 -11.18 7.43 2.46
CA GLY A 247 -11.70 8.78 2.52
C GLY A 247 -11.93 9.44 1.18
N MET A 248 -11.87 8.70 0.06
CA MET A 248 -12.25 9.32 -1.19
C MET A 248 -13.76 9.58 -1.21
N ILE A 249 -14.14 10.60 -1.98
CA ILE A 249 -15.55 10.86 -2.30
C ILE A 249 -15.79 10.09 -3.59
N VAL A 250 -16.49 8.95 -3.50
CA VAL A 250 -16.63 8.00 -4.60
C VAL A 250 -18.00 8.16 -5.25
N LYS A 251 -18.01 8.35 -6.55
CA LYS A 251 -19.18 8.26 -7.40
C LYS A 251 -19.09 6.98 -8.22
N VAL A 252 -20.23 6.39 -8.54
CA VAL A 252 -20.32 5.09 -9.21
C VAL A 252 -21.18 5.22 -10.45
N ALA A 253 -20.71 4.67 -11.56
CA ALA A 253 -21.50 4.54 -12.79
C ALA A 253 -21.89 3.08 -13.00
N GLU A 254 -23.08 2.86 -13.55
CA GLU A 254 -23.54 1.50 -13.80
C GLU A 254 -24.54 1.52 -14.94
N VAL A 255 -24.61 0.40 -15.68
CA VAL A 255 -25.71 0.16 -16.62
C VAL A 255 -26.78 -0.75 -16.02
N ASP A 256 -26.48 -1.44 -14.95
CA ASP A 256 -27.41 -2.39 -14.36
C ASP A 256 -28.10 -1.69 -13.19
N PRO A 257 -29.41 -1.42 -13.28
CA PRO A 257 -30.06 -0.67 -12.20
C PRO A 257 -30.06 -1.37 -10.85
N ILE A 258 -30.03 -2.70 -10.81
CA ILE A 258 -29.93 -3.38 -9.52
C ILE A 258 -28.59 -3.09 -8.85
N CYS A 259 -27.48 -3.23 -9.61
CA CYS A 259 -26.17 -2.87 -9.07
C CYS A 259 -26.13 -1.40 -8.68
N ALA A 260 -26.77 -0.52 -9.48
CA ALA A 260 -26.82 0.90 -9.12
C ALA A 260 -27.59 1.12 -7.82
N MET A 261 -28.69 0.39 -7.62
N MET A 261 -28.69 0.39 -7.62
CA MET A 261 -29.44 0.48 -6.37
CA MET A 261 -29.45 0.47 -6.36
C MET A 261 -28.56 0.12 -5.18
C MET A 261 -28.56 0.12 -5.18
N GLN A 262 -27.75 -0.94 -5.31
CA GLN A 262 -26.82 -1.30 -4.24
C GLN A 262 -25.84 -0.18 -3.97
N ALA A 263 -25.31 0.43 -5.04
CA ALA A 263 -24.40 1.56 -4.84
C ALA A 263 -25.04 2.68 -4.05
N CYS A 264 -26.29 3.06 -4.38
CA CYS A 264 -26.99 4.09 -3.63
C CYS A 264 -27.12 3.71 -2.16
N MET A 265 -27.57 2.48 -1.90
CA MET A 265 -27.76 2.06 -0.52
C MET A 265 -26.44 1.93 0.23
N ASP A 266 -25.35 1.66 -0.49
CA ASP A 266 -24.04 1.60 0.15
C ASP A 266 -23.45 2.98 0.41
N GLY A 267 -24.14 4.04 -0.02
CA GLY A 267 -23.73 5.38 0.33
C GLY A 267 -22.97 6.11 -0.75
N PHE A 268 -23.11 5.70 -2.00
CA PHE A 268 -22.46 6.33 -3.13
C PHE A 268 -23.48 7.06 -3.99
N GLU A 269 -23.06 8.18 -4.56
CA GLU A 269 -23.81 8.90 -5.57
C GLU A 269 -23.60 8.22 -6.93
N VAL A 270 -24.69 7.88 -7.62
CA VAL A 270 -24.62 7.17 -8.90
C VAL A 270 -24.76 8.19 -10.02
N VAL A 271 -23.74 8.24 -10.90
CA VAL A 271 -23.66 9.23 -11.96
C VAL A 271 -23.31 8.52 -13.26
N SER A 272 -23.51 9.23 -14.37
CA SER A 272 -23.07 8.75 -15.66
C SER A 272 -22.07 9.72 -16.28
N PRO A 273 -21.05 9.24 -16.98
CA PRO A 273 -20.18 10.16 -17.73
C PRO A 273 -20.93 10.93 -18.81
N TYR A 274 -22.10 10.45 -19.21
CA TYR A 274 -22.88 11.01 -20.31
C TYR A 274 -24.13 11.69 -19.76
N LYS A 275 -24.49 12.82 -20.38
CA LYS A 275 -25.70 13.53 -20.00
C LYS A 275 -26.91 12.63 -20.18
N ASN A 276 -27.68 12.48 -19.09
CA ASN A 276 -28.85 11.60 -19.05
C ASN A 276 -28.50 10.15 -19.35
N GLY A 277 -27.22 9.80 -19.24
CA GLY A 277 -26.77 8.44 -19.47
C GLY A 277 -26.67 8.03 -20.91
N ILE A 278 -26.82 8.94 -21.87
CA ILE A 278 -26.91 8.60 -23.28
C ILE A 278 -25.54 8.85 -23.94
N ASN A 279 -24.88 7.77 -24.33
CA ASN A 279 -23.55 7.75 -24.95
C ASN A 279 -23.77 7.71 -26.47
N ASP A 280 -23.94 8.89 -27.08
CA ASP A 280 -24.19 8.96 -28.51
C ASP A 280 -22.94 9.16 -29.36
N GLY A 281 -21.75 9.19 -28.75
CA GLY A 281 -20.52 9.29 -29.51
C GLY A 281 -20.00 10.70 -29.72
N THR A 282 -20.74 11.72 -29.34
CA THR A 282 -20.34 13.10 -29.54
C THR A 282 -19.72 13.66 -28.27
N GLU A 283 -18.85 14.65 -28.45
CA GLU A 283 -18.32 15.32 -27.28
C GLU A 283 -19.42 16.02 -26.49
N ALA A 284 -20.48 16.46 -27.18
CA ALA A 284 -21.56 17.16 -26.51
C ALA A 284 -22.22 16.29 -25.44
N SER A 285 -22.20 14.96 -25.61
CA SER A 285 -22.86 14.08 -24.64
C SER A 285 -22.08 13.93 -23.34
N ILE A 286 -20.81 14.32 -23.28
CA ILE A 286 -20.02 14.15 -22.07
C ILE A 286 -20.44 15.18 -21.04
N ASP A 287 -20.63 14.73 -19.80
CA ASP A 287 -20.87 15.63 -18.67
C ASP A 287 -19.51 16.19 -18.29
N ALA A 288 -19.14 17.31 -18.94
CA ALA A 288 -17.81 17.87 -18.74
C ALA A 288 -17.64 18.46 -17.34
N ALA A 289 -18.73 18.97 -16.75
CA ALA A 289 -18.64 19.45 -15.37
C ALA A 289 -18.28 18.33 -14.41
N LEU A 290 -18.92 17.16 -14.57
CA LEU A 290 -18.61 16.03 -13.71
C LEU A 290 -17.18 15.55 -13.90
N LEU A 291 -16.80 15.32 -15.16
CA LEU A 291 -15.49 14.73 -15.42
C LEU A 291 -14.36 15.67 -15.04
N GLY A 292 -14.58 16.97 -15.16
CA GLY A 292 -13.60 17.96 -14.78
C GLY A 292 -13.33 18.04 -13.30
N LYS A 293 -14.10 17.33 -12.46
CA LYS A 293 -13.87 17.32 -11.03
C LYS A 293 -13.29 15.99 -10.52
N ILE A 294 -13.11 15.01 -11.40
CA ILE A 294 -12.67 13.67 -11.00
C ILE A 294 -11.15 13.58 -10.96
N ASP A 295 -10.62 13.16 -9.80
CA ASP A 295 -9.19 12.96 -9.61
C ASP A 295 -8.73 11.55 -9.90
N LEU A 296 -9.65 10.58 -9.99
CA LEU A 296 -9.26 9.19 -10.18
C LEU A 296 -10.45 8.49 -10.83
N ILE A 297 -10.20 7.78 -11.93
CA ILE A 297 -11.22 6.95 -12.58
C ILE A 297 -10.69 5.52 -12.64
N VAL A 298 -11.57 4.56 -12.31
CA VAL A 298 -11.24 3.13 -12.23
C VAL A 298 -12.32 2.38 -12.99
N THR A 299 -11.93 1.60 -14.00
CA THR A 299 -12.86 0.77 -14.74
C THR A 299 -12.89 -0.64 -14.18
N THR A 300 -14.11 -1.21 -14.03
CA THR A 300 -14.26 -2.50 -13.37
C THR A 300 -15.23 -3.44 -14.11
N THR A 301 -15.45 -3.25 -15.40
CA THR A 301 -16.68 -3.76 -16.01
C THR A 301 -16.51 -5.08 -16.74
N GLY A 302 -15.33 -5.39 -17.28
CA GLY A 302 -15.25 -6.46 -18.26
C GLY A 302 -15.85 -6.12 -19.61
N ASN A 303 -16.22 -4.87 -19.83
CA ASN A 303 -16.84 -4.40 -21.06
C ASN A 303 -15.80 -3.59 -21.84
N VAL A 304 -16.23 -3.04 -22.99
CA VAL A 304 -15.33 -2.38 -23.93
C VAL A 304 -15.58 -0.87 -23.91
N ASN A 305 -14.48 -0.11 -23.83
CA ASN A 305 -14.51 1.33 -24.04
C ASN A 305 -15.49 2.02 -23.07
N VAL A 306 -15.35 1.71 -21.79
CA VAL A 306 -16.16 2.37 -20.76
C VAL A 306 -15.50 3.62 -20.23
N CYS A 307 -14.23 3.85 -20.57
CA CYS A 307 -13.56 5.13 -20.31
C CYS A 307 -13.03 5.54 -21.68
N ASP A 308 -13.85 6.27 -22.43
CA ASP A 308 -13.62 6.49 -23.86
C ASP A 308 -12.81 7.76 -24.09
N ALA A 309 -12.54 8.05 -25.37
CA ALA A 309 -11.65 9.15 -25.72
C ALA A 309 -12.23 10.48 -25.27
N ASN A 310 -13.53 10.69 -25.45
CA ASN A 310 -14.13 11.95 -25.04
C ASN A 310 -14.10 12.11 -23.52
N MET A 311 -14.28 11.00 -22.78
CA MET A 311 -14.11 11.06 -21.33
C MET A 311 -12.68 11.44 -20.95
N LEU A 312 -11.68 10.85 -21.63
CA LEU A 312 -10.29 11.14 -21.31
C LEU A 312 -9.95 12.60 -21.58
N LYS A 313 -10.53 13.16 -22.65
CA LYS A 313 -10.35 14.56 -22.98
C LYS A 313 -10.92 15.48 -21.92
N ALA A 314 -12.02 15.06 -21.27
CA ALA A 314 -12.76 15.89 -20.32
C ALA A 314 -12.26 15.76 -18.89
N LEU A 315 -11.44 14.75 -18.57
CA LEU A 315 -11.01 14.57 -17.19
C LEU A 315 -10.22 15.77 -16.67
N LYS A 316 -10.38 16.03 -15.38
CA LYS A 316 -9.57 17.00 -14.65
C LYS A 316 -8.09 16.79 -14.94
N LYS A 317 -7.34 17.88 -15.08
CA LYS A 317 -5.90 17.78 -15.22
CA LYS A 317 -5.90 17.75 -15.24
C LYS A 317 -5.31 16.98 -14.07
N ARG A 318 -4.34 16.11 -14.38
CA ARG A 318 -3.58 15.29 -13.43
C ARG A 318 -4.41 14.19 -12.80
N ALA A 319 -5.60 13.89 -13.33
CA ALA A 319 -6.34 12.73 -12.86
C ALA A 319 -5.57 11.44 -13.12
N VAL A 320 -5.75 10.46 -12.22
CA VAL A 320 -5.23 9.10 -12.40
C VAL A 320 -6.28 8.27 -13.12
N VAL A 321 -5.83 7.48 -14.10
CA VAL A 321 -6.67 6.60 -14.90
C VAL A 321 -6.15 5.17 -14.74
N CYS A 322 -7.03 4.24 -14.36
CA CYS A 322 -6.60 2.85 -14.26
C CYS A 322 -7.79 1.92 -14.49
N ASN A 323 -7.45 0.67 -14.75
CA ASN A 323 -8.39 -0.39 -15.05
C ASN A 323 -8.06 -1.57 -14.17
N ILE A 324 -9.08 -2.13 -13.51
CA ILE A 324 -8.96 -3.35 -12.73
C ILE A 324 -9.80 -4.51 -13.30
N GLY A 325 -10.45 -4.29 -14.45
CA GLY A 325 -11.03 -5.39 -15.21
C GLY A 325 -9.95 -6.20 -15.94
N HIS A 326 -10.35 -7.33 -16.51
CA HIS A 326 -9.36 -8.28 -17.02
C HIS A 326 -8.54 -7.73 -18.18
N PHE A 327 -9.17 -7.01 -19.11
CA PHE A 327 -8.50 -6.57 -20.33
C PHE A 327 -8.41 -5.05 -20.40
N ASP A 328 -7.34 -4.56 -21.05
CA ASP A 328 -7.08 -3.12 -21.09
C ASP A 328 -8.04 -2.35 -21.98
N ASN A 329 -8.81 -3.02 -22.84
CA ASN A 329 -9.70 -2.28 -23.73
C ASN A 329 -10.88 -1.62 -23.01
N GLU A 330 -10.96 -1.71 -21.67
CA GLU A 330 -11.93 -0.92 -20.94
C GLU A 330 -11.67 0.56 -21.10
N ILE A 331 -10.40 0.95 -21.27
CA ILE A 331 -10.00 2.34 -21.48
C ILE A 331 -9.51 2.44 -22.93
N ASP A 332 -9.84 3.55 -23.60
CA ASP A 332 -9.33 3.78 -24.95
C ASP A 332 -7.86 4.25 -24.89
N THR A 333 -6.97 3.32 -24.53
CA THR A 333 -5.54 3.65 -24.53
C THR A 333 -5.02 3.81 -25.95
N ALA A 334 -5.63 3.15 -26.93
CA ALA A 334 -5.21 3.35 -28.32
C ALA A 334 -5.34 4.81 -28.73
N PHE A 335 -6.45 5.46 -28.36
CA PHE A 335 -6.59 6.88 -28.64
C PHE A 335 -5.44 7.67 -28.03
N MET A 336 -5.05 7.31 -26.80
CA MET A 336 -3.99 8.06 -26.13
C MET A 336 -2.64 7.80 -26.80
N ARG A 337 -2.41 6.58 -27.28
CA ARG A 337 -1.17 6.29 -28.00
C ARG A 337 -1.07 7.07 -29.30
N LYS A 338 -2.21 7.25 -29.99
CA LYS A 338 -2.18 7.93 -31.28
C LYS A 338 -2.05 9.45 -31.14
N ASN A 339 -2.55 10.03 -30.05
CA ASN A 339 -2.71 11.48 -30.00
C ASN A 339 -1.83 12.19 -28.98
N TRP A 340 -1.37 11.52 -27.93
CA TRP A 340 -0.78 12.20 -26.80
C TRP A 340 0.59 11.60 -26.49
N ALA A 341 1.47 12.42 -25.91
CA ALA A 341 2.83 11.97 -25.63
C ALA A 341 2.89 11.25 -24.29
N TRP A 342 3.62 10.13 -24.26
CA TRP A 342 3.76 9.36 -23.01
C TRP A 342 5.12 9.62 -22.38
N GLU A 343 5.11 10.09 -21.14
CA GLU A 343 6.32 10.28 -20.35
C GLU A 343 6.33 9.21 -19.26
N GLU A 344 7.25 8.25 -19.36
CA GLU A 344 7.31 7.22 -18.33
C GLU A 344 7.88 7.81 -17.04
N VAL A 345 7.11 7.71 -15.96
CA VAL A 345 7.61 8.10 -14.64
C VAL A 345 8.52 7.00 -14.08
N LYS A 346 8.01 5.78 -14.10
CA LYS A 346 8.70 4.55 -13.72
C LYS A 346 7.88 3.41 -14.31
N PRO A 347 8.37 2.16 -14.25
CA PRO A 347 7.59 1.07 -14.85
C PRO A 347 6.15 1.08 -14.37
N GLN A 348 5.21 0.90 -15.31
CA GLN A 348 3.78 0.89 -15.03
C GLN A 348 3.21 2.22 -14.53
N VAL A 349 3.92 3.33 -14.72
CA VAL A 349 3.39 4.66 -14.40
C VAL A 349 3.78 5.61 -15.51
N HIS A 350 2.79 6.13 -16.25
CA HIS A 350 3.06 7.04 -17.36
C HIS A 350 2.21 8.29 -17.24
N LYS A 351 2.83 9.45 -17.50
CA LYS A 351 2.09 10.69 -17.65
C LYS A 351 1.74 10.81 -19.12
N ILE A 352 0.46 11.04 -19.39
CA ILE A 352 -0.05 11.17 -20.75
C ILE A 352 -0.33 12.65 -20.98
N HIS A 353 0.50 13.29 -21.79
CA HIS A 353 0.47 14.72 -22.00
C HIS A 353 -0.55 15.07 -23.08
N ARG A 354 -1.62 15.76 -22.67
CA ARG A 354 -2.71 16.07 -23.60
C ARG A 354 -2.41 17.27 -24.49
N THR A 355 -1.17 17.77 -24.44
CA THR A 355 -0.75 18.88 -25.28
C THR A 355 -0.52 18.46 -26.72
N GLY A 356 -0.33 17.16 -27.00
CA GLY A 356 -0.04 16.68 -28.33
C GLY A 356 0.92 15.51 -28.27
N LYS A 357 1.38 15.06 -29.43
CA LYS A 357 2.20 13.86 -29.49
C LYS A 357 3.67 14.13 -29.80
N ASP A 358 4.05 15.38 -30.08
CA ASP A 358 5.40 15.67 -30.59
C ASP A 358 6.31 16.00 -29.42
N GLY A 359 6.74 14.96 -28.71
CA GLY A 359 7.48 15.19 -27.48
C GLY A 359 6.59 15.77 -26.39
N PHE A 360 7.22 16.08 -25.26
CA PHE A 360 6.46 16.59 -24.13
C PHE A 360 7.34 17.58 -23.36
N ASP A 361 6.66 18.44 -22.62
CA ASP A 361 7.29 19.37 -21.70
C ASP A 361 7.22 18.73 -20.32
N ALA A 362 8.40 18.48 -19.73
CA ALA A 362 8.47 17.84 -18.42
C ALA A 362 7.70 18.61 -17.35
N HIS A 363 7.41 19.89 -17.59
CA HIS A 363 6.68 20.73 -16.64
C HIS A 363 5.25 21.05 -17.07
N ASN A 364 4.75 20.39 -18.11
CA ASN A 364 3.37 20.57 -18.52
C ASN A 364 2.42 20.16 -17.40
N ASP A 365 1.39 20.98 -17.17
CA ASP A 365 0.41 20.67 -16.13
C ASP A 365 -0.78 19.89 -16.64
N ASP A 366 -0.92 19.73 -17.95
CA ASP A 366 -2.09 19.09 -18.54
C ASP A 366 -1.74 17.67 -18.97
N TYR A 367 -1.76 16.76 -18.00
CA TYR A 367 -1.49 15.35 -18.23
C TYR A 367 -2.42 14.52 -17.37
N LEU A 368 -2.61 13.26 -17.77
CA LEU A 368 -3.20 12.22 -16.94
C LEU A 368 -2.12 11.25 -16.51
N ILE A 369 -2.31 10.60 -15.37
CA ILE A 369 -1.42 9.51 -14.98
C ILE A 369 -2.13 8.20 -15.22
N LEU A 370 -1.58 7.39 -16.13
CA LEU A 370 -2.12 6.09 -16.47
C LEU A 370 -1.30 5.03 -15.76
N LEU A 371 -1.96 4.12 -15.07
CA LEU A 371 -1.28 3.06 -14.35
C LEU A 371 -1.31 1.77 -15.16
N ALA A 372 -0.17 1.08 -15.20
CA ALA A 372 -0.03 -0.23 -15.80
C ALA A 372 -0.44 -0.25 -17.27
N GLU A 373 -0.30 0.90 -17.95
CA GLU A 373 -0.70 1.02 -19.35
C GLU A 373 -2.13 0.53 -19.60
N GLY A 374 -2.99 0.67 -18.58
CA GLY A 374 -4.39 0.27 -18.68
C GLY A 374 -4.65 -1.20 -18.41
N ARG A 375 -3.61 -1.99 -18.11
CA ARG A 375 -3.80 -3.39 -17.74
CA ARG A 375 -3.78 -3.39 -17.73
C ARG A 375 -4.16 -3.48 -16.25
N LEU A 376 -4.62 -4.67 -15.83
CA LEU A 376 -5.11 -4.87 -14.46
C LEU A 376 -4.19 -4.22 -13.45
N VAL A 377 -4.71 -3.22 -12.75
CA VAL A 377 -3.82 -2.32 -12.00
C VAL A 377 -3.34 -2.96 -10.70
N ASN A 378 -4.19 -3.74 -10.04
CA ASN A 378 -3.77 -4.34 -8.78
C ASN A 378 -2.57 -5.25 -8.96
N LEU A 379 -2.56 -6.04 -10.04
CA LEU A 379 -1.43 -6.91 -10.34
C LEU A 379 -0.30 -6.16 -11.01
N GLY A 380 -0.60 -5.10 -11.76
CA GLY A 380 0.43 -4.43 -12.53
C GLY A 380 1.26 -3.51 -11.68
N ASN A 381 0.63 -2.82 -10.73
CA ASN A 381 1.30 -1.83 -9.89
C ASN A 381 1.50 -2.29 -8.45
N ALA A 382 0.93 -3.43 -8.08
CA ALA A 382 1.22 -3.99 -6.76
C ALA A 382 1.37 -5.50 -6.91
N THR A 383 0.76 -6.30 -6.04
CA THR A 383 0.93 -7.76 -6.12
C THR A 383 -0.40 -8.50 -6.23
N GLY A 384 -1.45 -7.81 -6.68
CA GLY A 384 -2.75 -8.47 -6.76
C GLY A 384 -3.29 -8.79 -5.37
N HIS A 385 -4.18 -9.78 -5.34
CA HIS A 385 -4.89 -10.10 -4.11
C HIS A 385 -3.93 -10.77 -3.12
N PRO A 386 -4.21 -10.65 -1.83
CA PRO A 386 -3.34 -11.27 -0.82
C PRO A 386 -3.56 -12.78 -0.74
N SER A 387 -2.52 -13.46 -0.24
CA SER A 387 -2.58 -14.92 -0.15
C SER A 387 -3.83 -15.42 0.55
N ARG A 388 -4.25 -14.77 1.65
CA ARG A 388 -5.36 -15.34 2.42
C ARG A 388 -6.68 -15.26 1.67
N ILE A 389 -6.80 -14.33 0.73
CA ILE A 389 -7.96 -14.29 -0.17
C ILE A 389 -7.81 -15.30 -1.28
N MET A 390 -6.64 -15.34 -1.95
CA MET A 390 -6.44 -16.27 -3.07
C MET A 390 -6.53 -17.72 -2.62
N ASP A 391 -6.37 -17.97 -1.32
CA ASP A 391 -6.59 -19.30 -0.76
C ASP A 391 -7.94 -19.87 -1.22
N GLY A 392 -9.01 -19.08 -1.11
CA GLY A 392 -10.33 -19.57 -1.51
C GLY A 392 -10.39 -19.90 -2.99
N SER A 393 -9.95 -18.97 -3.84
CA SER A 393 -10.01 -19.20 -5.28
C SER A 393 -9.22 -20.44 -5.66
N PHE A 394 -8.04 -20.62 -5.06
CA PHE A 394 -7.15 -21.67 -5.53
C PHE A 394 -7.49 -23.02 -4.90
N ALA A 395 -8.10 -23.04 -3.72
CA ALA A 395 -8.68 -24.29 -3.24
C ALA A 395 -9.76 -24.78 -4.21
N ASN A 396 -10.60 -23.86 -4.69
CA ASN A 396 -11.60 -24.22 -5.70
C ASN A 396 -10.94 -24.76 -6.97
N GLN A 397 -9.86 -24.11 -7.42
CA GLN A 397 -9.17 -24.57 -8.63
C GLN A 397 -8.68 -26.01 -8.48
N VAL A 398 -8.10 -26.35 -7.33
CA VAL A 398 -7.57 -27.69 -7.10
C VAL A 398 -8.70 -28.71 -7.13
N LEU A 399 -9.79 -28.40 -6.40
CA LEU A 399 -10.93 -29.30 -6.41
C LEU A 399 -11.47 -29.48 -7.83
N ALA A 400 -11.55 -28.39 -8.60
CA ALA A 400 -12.07 -28.49 -9.95
C ALA A 400 -11.14 -29.32 -10.85
N GLN A 401 -9.82 -29.15 -10.70
CA GLN A 401 -8.89 -29.97 -11.46
C GLN A 401 -9.02 -31.45 -11.11
N ILE A 402 -9.12 -31.77 -9.81
CA ILE A 402 -9.34 -33.15 -9.40
C ILE A 402 -10.58 -33.73 -10.06
N HIS A 403 -11.70 -32.98 -10.01
CA HIS A 403 -12.96 -33.53 -10.51
C HIS A 403 -12.90 -33.79 -12.01
N LEU A 404 -12.51 -32.80 -12.79
CA LEU A 404 -12.48 -32.99 -14.24
C LEU A 404 -11.46 -34.04 -14.65
N PHE A 405 -10.32 -34.09 -13.97
CA PHE A 405 -9.34 -35.13 -14.32
C PHE A 405 -9.88 -36.51 -13.99
N GLU A 406 -10.59 -36.66 -12.86
CA GLU A 406 -11.16 -37.96 -12.51
C GLU A 406 -12.26 -38.37 -13.48
N GLN A 407 -12.98 -37.40 -14.04
CA GLN A 407 -14.09 -37.68 -14.95
C GLN A 407 -13.62 -38.23 -16.30
N LYS A 408 -12.39 -37.90 -16.72
CA LYS A 408 -11.76 -38.54 -17.89
C LYS A 408 -12.56 -38.36 -19.18
N TYR A 409 -13.01 -37.14 -19.43
CA TYR A 409 -13.86 -36.86 -20.59
C TYR A 409 -13.23 -37.31 -21.90
N ALA A 410 -11.92 -37.06 -22.07
CA ALA A 410 -11.28 -37.42 -23.34
C ALA A 410 -11.33 -38.92 -23.63
N ASP A 411 -11.48 -39.75 -22.61
CA ASP A 411 -11.51 -41.20 -22.76
C ASP A 411 -12.90 -41.75 -23.03
N LEU A 412 -13.93 -40.91 -22.99
CA LEU A 412 -15.30 -41.40 -23.11
C LEU A 412 -15.66 -41.66 -24.57
N PRO A 413 -16.60 -42.56 -24.82
CA PRO A 413 -17.18 -42.67 -26.16
C PRO A 413 -17.87 -41.37 -26.54
N ALA A 414 -17.97 -41.14 -27.86
CA ALA A 414 -18.55 -39.90 -28.37
C ALA A 414 -19.94 -39.65 -27.80
N ALA A 415 -20.73 -40.71 -27.60
CA ALA A 415 -22.07 -40.53 -27.04
C ALA A 415 -22.00 -40.08 -25.59
N GLU A 416 -21.06 -40.63 -24.82
CA GLU A 416 -20.90 -40.20 -23.43
C GLU A 416 -20.41 -38.76 -23.35
N LYS A 417 -19.61 -38.32 -24.33
CA LYS A 417 -19.07 -36.97 -24.31
C LYS A 417 -20.17 -35.94 -24.49
N ALA A 418 -21.13 -36.21 -25.38
CA ALA A 418 -22.18 -35.25 -25.67
C ALA A 418 -22.95 -34.87 -24.40
N LYS A 419 -23.23 -35.85 -23.54
CA LYS A 419 -23.99 -35.56 -22.33
C LYS A 419 -23.16 -34.88 -21.25
N ARG A 420 -21.84 -34.82 -21.40
CA ARG A 420 -20.97 -34.20 -20.40
C ARG A 420 -20.37 -32.89 -20.85
N LEU A 421 -20.60 -32.47 -22.09
CA LEU A 421 -20.02 -31.22 -22.60
C LEU A 421 -20.82 -30.06 -22.02
N SER A 422 -20.33 -29.51 -20.91
CA SER A 422 -21.06 -28.46 -20.21
C SER A 422 -20.07 -27.56 -19.50
N VAL A 423 -20.58 -26.45 -18.96
CA VAL A 423 -19.86 -25.55 -18.07
C VAL A 423 -20.58 -25.59 -16.74
N GLU A 424 -19.93 -26.11 -15.71
CA GLU A 424 -20.57 -26.35 -14.42
C GLU A 424 -19.82 -25.61 -13.32
N VAL A 425 -20.48 -25.47 -12.17
CA VAL A 425 -19.86 -24.94 -10.97
C VAL A 425 -19.64 -26.08 -9.98
N LEU A 426 -18.80 -25.82 -8.98
CA LEU A 426 -18.60 -26.76 -7.90
C LEU A 426 -19.86 -26.87 -7.04
N PRO A 427 -20.10 -28.03 -6.43
CA PRO A 427 -21.24 -28.18 -5.51
C PRO A 427 -21.08 -27.28 -4.28
N LYS A 428 -22.24 -26.86 -3.73
CA LYS A 428 -22.23 -25.97 -2.58
C LYS A 428 -21.51 -26.59 -1.38
N LYS A 429 -21.64 -27.91 -1.20
CA LYS A 429 -20.97 -28.55 -0.06
C LYS A 429 -19.47 -28.27 -0.09
N LEU A 430 -18.84 -28.34 -1.26
CA LEU A 430 -17.40 -28.06 -1.34
C LEU A 430 -17.11 -26.59 -1.12
N ASP A 431 -17.94 -25.71 -1.68
CA ASP A 431 -17.83 -24.27 -1.42
C ASP A 431 -17.83 -24.01 0.08
N GLU A 432 -18.74 -24.67 0.81
CA GLU A 432 -18.79 -24.51 2.26
C GLU A 432 -17.53 -25.05 2.94
N GLU A 433 -17.01 -26.17 2.45
CA GLU A 433 -15.83 -26.75 3.10
C GLU A 433 -14.60 -25.87 2.92
N VAL A 434 -14.46 -25.25 1.75
CA VAL A 434 -13.42 -24.24 1.54
C VAL A 434 -13.61 -23.09 2.52
N ALA A 435 -14.84 -22.58 2.61
CA ALA A 435 -15.12 -21.45 3.50
C ALA A 435 -14.76 -21.79 4.95
N LEU A 436 -15.06 -23.01 5.39
CA LEU A 436 -14.79 -23.37 6.78
C LEU A 436 -13.28 -23.28 7.08
N GLU A 437 -12.45 -23.79 6.17
CA GLU A 437 -11.01 -23.68 6.36
C GLU A 437 -10.56 -22.23 6.39
N MET A 438 -11.18 -21.37 5.56
CA MET A 438 -10.84 -19.95 5.59
C MET A 438 -11.20 -19.34 6.94
N VAL A 439 -12.40 -19.64 7.44
CA VAL A 439 -12.84 -19.09 8.73
C VAL A 439 -11.92 -19.54 9.85
N LYS A 440 -11.57 -20.82 9.88
CA LYS A 440 -10.64 -21.29 10.90
C LYS A 440 -9.29 -20.60 10.79
N GLY A 441 -8.89 -20.21 9.58
CA GLY A 441 -7.63 -19.50 9.42
C GLY A 441 -7.62 -18.15 10.13
N PHE A 442 -8.78 -17.51 10.28
CA PHE A 442 -8.88 -16.29 11.06
C PHE A 442 -9.02 -16.56 12.55
N GLY A 443 -9.10 -17.84 12.97
CA GLY A 443 -9.46 -18.15 14.33
C GLY A 443 -10.96 -18.12 14.59
N GLY A 444 -11.77 -18.01 13.54
CA GLY A 444 -13.22 -18.00 13.73
C GLY A 444 -13.73 -19.36 14.17
N VAL A 445 -14.83 -19.35 14.91
CA VAL A 445 -15.44 -20.59 15.42
C VAL A 445 -16.87 -20.64 14.89
N VAL A 446 -17.14 -21.60 14.01
CA VAL A 446 -18.48 -21.81 13.46
C VAL A 446 -19.28 -22.64 14.44
N THR A 447 -20.55 -22.27 14.64
CA THR A 447 -21.42 -23.00 15.56
C THR A 447 -22.01 -24.21 14.85
N GLN A 448 -22.20 -25.31 15.58
CA GLN A 448 -22.83 -26.51 15.06
C GLN A 448 -24.31 -26.50 15.43
N LEU A 449 -25.17 -26.75 14.44
CA LEU A 449 -26.60 -26.82 14.70
C LEU A 449 -26.89 -28.01 15.60
N THR A 450 -27.87 -27.85 16.52
CA THR A 450 -28.40 -29.04 17.19
C THR A 450 -29.29 -29.80 16.22
N PRO A 451 -29.52 -31.09 16.46
CA PRO A 451 -30.48 -31.84 15.63
C PRO A 451 -31.82 -31.13 15.51
N LYS A 452 -32.34 -30.59 16.61
CA LYS A 452 -33.62 -29.90 16.56
C LYS A 452 -33.57 -28.67 15.67
N GLN A 453 -32.49 -27.88 15.76
CA GLN A 453 -32.38 -26.70 14.92
C GLN A 453 -32.23 -27.06 13.45
N ALA A 454 -31.41 -28.07 13.15
CA ALA A 454 -31.26 -28.51 11.76
C ALA A 454 -32.61 -28.95 11.20
N GLU A 455 -33.38 -29.69 11.99
CA GLU A 455 -34.72 -30.07 11.56
C GLU A 455 -35.61 -28.85 11.36
N TYR A 456 -35.49 -27.86 12.25
CA TYR A 456 -36.36 -26.68 12.19
C TYR A 456 -36.17 -25.90 10.90
N ILE A 457 -34.92 -25.76 10.44
CA ILE A 457 -34.69 -25.02 9.18
C ILE A 457 -34.56 -25.93 7.97
N GLY A 458 -34.64 -27.24 8.17
CA GLY A 458 -34.67 -28.18 7.05
C GLY A 458 -33.33 -28.43 6.38
N VAL A 459 -32.25 -28.51 7.16
CA VAL A 459 -30.92 -28.79 6.62
C VAL A 459 -30.28 -29.92 7.43
N SER A 460 -29.28 -30.53 6.82
CA SER A 460 -28.41 -31.44 7.57
C SER A 460 -27.48 -30.63 8.47
N VAL A 461 -27.15 -31.21 9.62
CA VAL A 461 -26.18 -30.58 10.53
C VAL A 461 -24.86 -30.34 9.81
N GLU A 462 -24.51 -31.18 8.84
CA GLU A 462 -23.27 -31.06 8.09
C GLU A 462 -23.36 -30.07 6.93
N GLY A 463 -24.53 -29.53 6.64
CA GLY A 463 -24.75 -28.75 5.44
C GLY A 463 -25.04 -29.66 4.24
N PRO A 464 -25.35 -29.06 3.09
CA PRO A 464 -25.31 -27.61 2.84
C PRO A 464 -26.40 -26.85 3.57
N PHE A 465 -26.13 -25.58 3.86
CA PHE A 465 -26.99 -24.79 4.73
C PHE A 465 -27.94 -23.89 3.98
N LYS A 466 -27.80 -23.74 2.67
CA LYS A 466 -28.58 -22.82 1.87
C LYS A 466 -29.00 -23.53 0.60
N PRO A 467 -30.14 -23.15 0.02
CA PRO A 467 -30.49 -23.67 -1.31
C PRO A 467 -29.59 -23.07 -2.37
N ASP A 468 -29.52 -23.76 -3.51
CA ASP A 468 -28.66 -23.29 -4.60
C ASP A 468 -29.05 -21.90 -5.09
N THR A 469 -30.30 -21.48 -4.87
CA THR A 469 -30.73 -20.14 -5.28
C THR A 469 -30.17 -19.03 -4.38
N TYR A 470 -29.58 -19.37 -3.24
CA TYR A 470 -29.21 -18.34 -2.27
C TYR A 470 -28.07 -17.46 -2.80
N ARG A 471 -28.20 -16.15 -2.60
CA ARG A 471 -27.24 -15.20 -3.16
C ARG A 471 -26.18 -14.68 -2.21
N TYR A 472 -26.32 -14.89 -0.90
CA TYR A 472 -25.36 -14.41 0.09
C TYR A 472 -25.21 -12.90 0.03
N GLY B 12 30.74 19.16 -12.22
CA GLY B 12 31.88 18.90 -11.37
C GLY B 12 31.56 18.82 -9.90
N PHE B 13 30.27 18.63 -9.58
CA PHE B 13 29.83 18.58 -8.20
C PHE B 13 30.10 17.19 -7.63
N THR B 14 30.75 17.14 -6.46
CA THR B 14 31.06 15.88 -5.79
C THR B 14 30.70 15.90 -4.30
N ASP B 15 30.09 16.96 -3.80
CA ASP B 15 29.92 17.18 -2.37
C ASP B 15 28.60 16.55 -1.92
N TYR B 16 28.55 15.21 -2.01
CA TYR B 16 27.34 14.46 -1.68
C TYR B 16 27.71 12.99 -1.53
N LYS B 17 26.79 12.20 -0.98
CA LYS B 17 26.93 10.76 -1.01
C LYS B 17 25.53 10.15 -1.02
N VAL B 18 25.21 9.45 -2.11
CA VAL B 18 23.92 8.80 -2.29
C VAL B 18 24.13 7.37 -2.80
N ALA B 19 23.05 6.60 -2.82
CA ALA B 19 23.13 5.21 -3.26
C ALA B 19 23.50 5.10 -4.73
N ASP B 20 22.87 5.93 -5.58
CA ASP B 20 22.97 5.73 -7.03
C ASP B 20 22.47 6.98 -7.72
N ILE B 21 23.42 7.77 -8.23
CA ILE B 21 23.10 9.07 -8.81
C ILE B 21 22.29 8.93 -10.09
N THR B 22 22.31 7.74 -10.72
CA THR B 22 21.54 7.52 -11.94
C THR B 22 20.05 7.47 -11.69
N LEU B 23 19.61 7.41 -10.42
CA LEU B 23 18.19 7.48 -10.09
C LEU B 23 17.65 8.90 -10.14
N ALA B 24 18.49 9.90 -10.48
CA ALA B 24 18.11 11.30 -10.34
C ALA B 24 16.92 11.67 -11.22
N ALA B 25 16.91 11.21 -12.48
CA ALA B 25 15.84 11.61 -13.39
C ALA B 25 14.49 11.08 -12.89
N TRP B 26 14.47 9.84 -12.40
CA TRP B 26 13.26 9.31 -11.78
C TRP B 26 12.84 10.17 -10.58
N GLY B 27 13.79 10.47 -9.69
CA GLY B 27 13.48 11.35 -8.58
C GLY B 27 12.94 12.69 -9.03
N ARG B 28 13.54 13.29 -10.08
CA ARG B 28 13.10 14.58 -10.57
C ARG B 28 11.65 14.50 -11.09
N ARG B 29 11.31 13.43 -11.80
CA ARG B 29 9.93 13.27 -12.24
C ARG B 29 8.97 13.20 -11.05
N GLU B 30 9.35 12.48 -9.99
CA GLU B 30 8.50 12.43 -8.81
C GLU B 30 8.45 13.76 -8.06
N LEU B 31 9.55 14.53 -8.06
CA LEU B 31 9.49 15.85 -7.48
C LEU B 31 8.52 16.75 -8.24
N ILE B 32 8.50 16.66 -9.56
CA ILE B 32 7.59 17.50 -10.35
C ILE B 32 6.14 17.15 -10.08
N ILE B 33 5.85 15.85 -9.93
CA ILE B 33 4.51 15.43 -9.50
C ILE B 33 4.22 15.96 -8.09
N ALA B 34 5.17 15.81 -7.16
CA ALA B 34 4.94 16.24 -5.78
C ALA B 34 4.67 17.73 -5.70
N GLU B 35 5.33 18.54 -6.53
CA GLU B 35 5.03 19.97 -6.55
C GLU B 35 3.55 20.21 -6.81
N SER B 36 2.94 19.43 -7.71
CA SER B 36 1.53 19.59 -8.02
C SER B 36 0.62 19.11 -6.90
N GLU B 37 1.14 18.36 -5.94
CA GLU B 37 0.42 17.88 -4.77
C GLU B 37 0.68 18.71 -3.52
N MET B 38 1.51 19.76 -3.61
CA MET B 38 1.90 20.55 -2.44
C MET B 38 1.63 22.04 -2.68
N PRO B 39 0.34 22.42 -2.72
CA PRO B 39 0.01 23.81 -3.04
C PRO B 39 0.42 24.82 -1.99
N ALA B 40 0.39 24.47 -0.70
CA ALA B 40 0.80 25.44 0.32
C ALA B 40 2.30 25.75 0.19
N LEU B 41 3.10 24.70 0.05
CA LEU B 41 4.54 24.86 -0.08
C LEU B 41 4.89 25.59 -1.37
N MET B 42 4.26 25.19 -2.49
CA MET B 42 4.47 25.87 -3.78
CA MET B 42 4.54 25.89 -3.74
C MET B 42 3.98 27.31 -3.73
N GLY B 43 2.90 27.56 -3.00
CA GLY B 43 2.43 28.93 -2.85
C GLY B 43 3.43 29.81 -2.15
N LEU B 44 4.11 29.27 -1.12
CA LEU B 44 5.16 30.04 -0.45
C LEU B 44 6.32 30.29 -1.38
N ARG B 45 6.67 29.29 -2.20
CA ARG B 45 7.73 29.48 -3.18
C ARG B 45 7.41 30.66 -4.08
N ARG B 46 6.16 30.73 -4.56
CA ARG B 46 5.78 31.82 -5.45
C ARG B 46 5.68 33.15 -4.72
N LYS B 47 5.11 33.14 -3.51
CA LYS B 47 4.92 34.37 -2.77
C LYS B 47 6.23 35.05 -2.41
N TYR B 48 7.24 34.25 -2.02
CA TYR B 48 8.45 34.80 -1.42
C TYR B 48 9.66 34.78 -2.35
N ALA B 49 9.55 34.18 -3.54
CA ALA B 49 10.73 34.06 -4.41
C ALA B 49 11.35 35.42 -4.72
N GLY B 50 10.52 36.43 -5.00
CA GLY B 50 11.07 37.73 -5.34
C GLY B 50 11.81 38.38 -4.18
N GLN B 51 11.31 38.18 -2.97
CA GLN B 51 11.84 38.83 -1.78
C GLN B 51 13.10 38.15 -1.26
N GLN B 52 13.33 36.88 -1.61
CA GLN B 52 14.50 36.13 -1.16
C GLN B 52 14.71 36.23 0.35
N PRO B 53 13.70 35.88 1.15
CA PRO B 53 13.82 36.06 2.61
C PRO B 53 14.86 35.17 3.26
N LEU B 54 15.33 34.12 2.57
CA LEU B 54 16.36 33.25 3.10
C LEU B 54 17.72 33.48 2.44
N LYS B 55 17.89 34.61 1.75
CA LYS B 55 19.20 34.97 1.22
C LYS B 55 20.18 35.09 2.38
N GLY B 56 21.28 34.34 2.32
CA GLY B 56 22.24 34.33 3.39
C GLY B 56 22.03 33.21 4.39
N ALA B 57 20.90 32.54 4.37
CA ALA B 57 20.66 31.45 5.29
C ALA B 57 21.48 30.24 4.84
N LYS B 58 22.03 29.52 5.81
CA LYS B 58 22.83 28.34 5.56
C LYS B 58 22.30 27.28 6.52
N ILE B 59 21.49 26.36 5.99
CA ILE B 59 20.63 25.50 6.80
C ILE B 59 21.22 24.10 6.86
N LEU B 60 21.50 23.64 8.07
CA LEU B 60 21.75 22.22 8.31
C LEU B 60 20.39 21.55 8.46
N GLY B 61 20.12 20.57 7.60
CA GLY B 61 18.83 19.89 7.60
C GLY B 61 19.01 18.43 7.91
N CYS B 62 18.18 17.88 8.82
CA CYS B 62 18.25 16.45 9.16
C CYS B 62 16.80 15.96 9.23
N ILE B 63 16.33 15.40 8.13
CA ILE B 63 14.96 14.88 8.06
C ILE B 63 14.90 13.92 6.89
N HIS B 64 14.17 12.83 7.09
CA HIS B 64 13.90 11.79 6.10
C HIS B 64 14.04 12.27 4.67
N MET B 65 15.01 11.73 3.93
CA MET B 65 15.32 12.25 2.61
C MET B 65 14.38 11.62 1.57
N THR B 66 13.11 12.03 1.65
CA THR B 66 12.06 11.57 0.76
C THR B 66 11.80 12.58 -0.34
N ILE B 67 10.92 12.21 -1.28
CA ILE B 67 10.48 13.14 -2.33
C ILE B 67 9.89 14.41 -1.71
N GLN B 68 9.13 14.25 -0.62
CA GLN B 68 8.49 15.40 0.02
C GLN B 68 9.52 16.36 0.62
N THR B 69 10.53 15.80 1.28
CA THR B 69 11.64 16.60 1.78
C THR B 69 12.40 17.27 0.63
N GLY B 70 12.49 16.61 -0.53
CA GLY B 70 13.06 17.25 -1.70
C GLY B 70 12.36 18.55 -2.08
N VAL B 71 11.02 18.54 -2.07
CA VAL B 71 10.28 19.77 -2.37
C VAL B 71 10.52 20.83 -1.30
N LEU B 72 10.58 20.41 -0.04
CA LEU B 72 10.97 21.31 1.05
C LEU B 72 12.35 21.93 0.80
N ILE B 73 13.36 21.09 0.55
CA ILE B 73 14.71 21.57 0.31
C ILE B 73 14.72 22.60 -0.81
N GLU B 74 14.07 22.27 -1.94
CA GLU B 74 14.14 23.16 -3.08
C GLU B 74 13.33 24.43 -2.88
N THR B 75 12.35 24.40 -1.96
CA THR B 75 11.67 25.64 -1.61
C THR B 75 12.59 26.55 -0.81
N LEU B 76 13.27 26.01 0.20
CA LEU B 76 14.25 26.81 0.95
C LEU B 76 15.31 27.41 0.02
N VAL B 77 15.85 26.59 -0.91
CA VAL B 77 16.85 27.08 -1.86
C VAL B 77 16.25 28.15 -2.77
N ALA B 78 15.00 27.95 -3.22
CA ALA B 78 14.37 28.93 -4.10
C ALA B 78 14.15 30.26 -3.41
N LEU B 79 14.06 30.25 -2.07
CA LEU B 79 13.92 31.48 -1.29
C LEU B 79 15.27 32.08 -0.87
N GLY B 80 16.37 31.46 -1.29
CA GLY B 80 17.69 32.05 -1.12
C GLY B 80 18.65 31.25 -0.27
N ALA B 81 18.20 30.18 0.40
CA ALA B 81 19.05 29.44 1.31
C ALA B 81 20.06 28.57 0.56
N GLU B 82 21.19 28.30 1.23
CA GLU B 82 22.02 27.15 0.94
C GLU B 82 21.79 26.12 2.06
N VAL B 83 21.91 24.84 1.71
CA VAL B 83 21.66 23.77 2.67
C VAL B 83 22.73 22.70 2.57
N ARG B 84 22.88 21.95 3.67
CA ARG B 84 23.56 20.65 3.67
C ARG B 84 22.66 19.67 4.41
N TRP B 85 22.38 18.52 3.77
CA TRP B 85 21.25 17.69 4.18
C TRP B 85 21.64 16.25 4.52
N SER B 86 20.94 15.68 5.50
CA SER B 86 21.05 14.26 5.83
C SER B 86 19.66 13.77 6.23
N SER B 87 19.49 12.44 6.25
CA SER B 87 18.24 11.85 6.72
C SER B 87 18.30 11.69 8.23
N CYS B 88 17.14 11.72 8.89
CA CYS B 88 17.07 11.44 10.32
C CYS B 88 16.72 9.99 10.64
N ASN B 89 16.77 9.09 9.65
CA ASN B 89 16.58 7.68 9.94
C ASN B 89 17.34 6.87 8.91
N ILE B 90 17.88 5.73 9.36
CA ILE B 90 18.70 4.89 8.48
C ILE B 90 17.91 4.25 7.35
N PHE B 91 16.57 4.13 7.46
CA PHE B 91 15.79 3.45 6.43
C PHE B 91 14.82 4.34 5.69
N SER B 92 14.78 5.64 5.97
CA SER B 92 13.69 6.47 5.47
C SER B 92 13.98 7.16 4.16
N THR B 93 15.24 7.21 3.72
CA THR B 93 15.55 7.85 2.46
C THR B 93 14.89 7.13 1.29
N GLN B 94 14.41 7.89 0.32
CA GLN B 94 14.10 7.35 -0.99
C GLN B 94 15.27 7.69 -1.89
N ASP B 95 15.96 6.67 -2.38
CA ASP B 95 17.22 6.91 -3.08
C ASP B 95 17.04 7.78 -4.32
N GLN B 96 15.89 7.69 -5.00
CA GLN B 96 15.69 8.57 -6.16
C GLN B 96 15.55 10.04 -5.74
N ALA B 97 14.98 10.30 -4.54
CA ALA B 97 14.90 11.67 -4.05
C ALA B 97 16.29 12.20 -3.71
N ALA B 98 17.08 11.41 -2.98
CA ALA B 98 18.46 11.80 -2.67
C ALA B 98 19.24 12.07 -3.95
N ALA B 99 19.09 11.20 -4.96
CA ALA B 99 19.82 11.38 -6.21
C ALA B 99 19.41 12.67 -6.90
N ALA B 100 18.10 12.93 -6.97
CA ALA B 100 17.65 14.15 -7.65
C ALA B 100 18.20 15.41 -6.97
N ILE B 101 18.29 15.41 -5.64
CA ILE B 101 18.79 16.57 -4.91
C ILE B 101 20.29 16.74 -5.15
N ALA B 102 21.06 15.64 -5.07
CA ALA B 102 22.49 15.72 -5.37
C ALA B 102 22.75 16.16 -6.80
N ALA B 103 21.96 15.64 -7.76
CA ALA B 103 22.14 16.01 -9.15
C ALA B 103 21.88 17.48 -9.41
N ALA B 104 21.13 18.13 -8.52
CA ALA B 104 20.86 19.55 -8.60
C ALA B 104 21.96 20.40 -7.97
N GLY B 105 23.03 19.77 -7.49
CA GLY B 105 24.12 20.51 -6.91
C GLY B 105 23.96 20.83 -5.45
N ILE B 106 23.11 20.08 -4.75
CA ILE B 106 22.81 20.33 -3.34
C ILE B 106 23.51 19.26 -2.50
N PRO B 107 24.28 19.62 -1.48
CA PRO B 107 24.95 18.59 -0.67
C PRO B 107 23.94 17.80 0.14
N VAL B 108 23.91 16.50 -0.12
CA VAL B 108 23.04 15.58 0.61
C VAL B 108 23.80 14.29 0.82
N PHE B 109 23.68 13.73 2.02
CA PHE B 109 24.38 12.53 2.45
C PHE B 109 23.30 11.62 3.04
N ALA B 110 22.79 10.70 2.22
CA ALA B 110 21.62 9.92 2.62
C ALA B 110 21.41 8.78 1.64
N TRP B 111 21.13 7.60 2.19
CA TRP B 111 20.70 6.45 1.40
C TRP B 111 19.84 5.54 2.27
N LYS B 112 18.99 4.77 1.60
CA LYS B 112 18.18 3.79 2.32
C LYS B 112 19.07 2.62 2.76
N GLY B 113 19.00 2.27 4.03
CA GLY B 113 19.76 1.15 4.55
C GLY B 113 21.14 1.49 5.07
N GLU B 114 21.32 2.69 5.63
CA GLU B 114 22.56 3.05 6.31
C GLU B 114 22.77 2.17 7.54
N THR B 115 24.04 1.97 7.91
CA THR B 115 24.33 1.50 9.25
C THR B 115 24.28 2.68 10.22
N GLU B 116 24.31 2.38 11.53
CA GLU B 116 24.34 3.46 12.51
C GLU B 116 25.59 4.31 12.35
N GLU B 117 26.73 3.68 12.03
CA GLU B 117 27.96 4.45 11.83
C GLU B 117 27.84 5.36 10.61
N GLU B 118 27.25 4.85 9.53
CA GLU B 118 27.03 5.68 8.35
C GLU B 118 26.07 6.83 8.64
N TYR B 119 25.05 6.57 9.46
CA TYR B 119 24.08 7.59 9.82
C TYR B 119 24.78 8.78 10.50
N GLU B 120 25.64 8.48 11.47
CA GLU B 120 26.39 9.53 12.15
C GLU B 120 27.35 10.23 11.20
N TRP B 121 27.98 9.45 10.32
CA TRP B 121 28.90 10.03 9.34
C TRP B 121 28.17 11.01 8.43
N CYS B 122 26.95 10.65 7.99
CA CYS B 122 26.18 11.53 7.12
C CYS B 122 25.85 12.85 7.82
N ILE B 123 25.41 12.80 9.07
CA ILE B 123 25.17 14.05 9.79
C ILE B 123 26.45 14.87 9.85
N GLU B 124 27.58 14.21 10.14
CA GLU B 124 28.85 14.92 10.22
CA GLU B 124 28.86 14.90 10.21
C GLU B 124 29.22 15.56 8.89
N GLN B 125 28.85 14.95 7.77
CA GLN B 125 29.15 15.55 6.47
C GLN B 125 28.34 16.82 6.22
N THR B 126 27.18 16.99 6.86
CA THR B 126 26.50 18.27 6.73
C THR B 126 27.17 19.33 7.61
N ILE B 127 27.62 18.92 8.79
CA ILE B 127 28.21 19.86 9.76
C ILE B 127 29.57 20.37 9.26
N LEU B 128 30.36 19.48 8.66
CA LEU B 128 31.71 19.80 8.21
C LEU B 128 31.71 19.94 6.70
N LYS B 129 32.38 20.97 6.20
CA LYS B 129 32.63 21.09 4.77
C LYS B 129 34.13 21.24 4.61
N ASP B 130 34.72 20.37 3.78
CA ASP B 130 36.17 20.36 3.58
C ASP B 130 36.92 20.22 4.89
N GLY B 131 36.36 19.41 5.80
CA GLY B 131 37.03 19.07 7.03
C GLY B 131 36.91 20.09 8.14
N GLN B 132 36.16 21.17 7.93
CA GLN B 132 36.03 22.22 8.93
C GLN B 132 34.56 22.59 9.05
N PRO B 133 34.16 23.14 10.19
CA PRO B 133 32.75 23.51 10.36
C PRO B 133 32.25 24.35 9.21
N TRP B 134 31.11 23.96 8.64
CA TRP B 134 30.43 24.78 7.65
C TRP B 134 29.94 26.05 8.34
N ASP B 135 29.75 27.10 7.54
CA ASP B 135 29.25 28.36 8.08
C ASP B 135 27.73 28.34 8.25
N ALA B 136 27.24 27.35 8.98
CA ALA B 136 25.80 27.19 9.21
C ALA B 136 25.25 28.33 10.06
N ASN B 137 24.00 28.70 9.80
CA ASN B 137 23.34 29.66 10.66
C ASN B 137 21.89 29.31 10.96
N MET B 138 21.41 28.15 10.51
CA MET B 138 20.05 27.70 10.78
C MET B 138 20.05 26.17 10.84
N VAL B 139 19.10 25.61 11.60
CA VAL B 139 18.96 24.17 11.77
C VAL B 139 17.51 23.79 11.51
N LEU B 140 17.30 22.75 10.70
CA LEU B 140 15.99 22.13 10.50
C LEU B 140 16.17 20.67 10.89
N ASP B 141 15.36 20.20 11.85
CA ASP B 141 15.63 18.91 12.46
C ASP B 141 14.32 18.16 12.65
N ASP B 142 14.42 16.83 12.67
CA ASP B 142 13.28 15.95 12.87
C ASP B 142 13.73 14.85 13.83
N GLY B 143 13.43 15.03 15.11
CA GLY B 143 13.75 14.05 16.13
C GLY B 143 14.82 14.50 17.09
N GLY B 144 15.57 15.56 16.75
CA GLY B 144 16.56 16.13 17.65
C GLY B 144 17.96 15.56 17.56
N ASP B 145 18.25 14.64 16.64
CA ASP B 145 19.60 14.06 16.61
C ASP B 145 20.66 15.10 16.20
N LEU B 146 20.40 15.85 15.14
CA LEU B 146 21.33 16.90 14.72
C LEU B 146 21.46 17.97 15.81
N THR B 147 20.34 18.34 16.44
CA THR B 147 20.36 19.32 17.52
C THR B 147 21.24 18.87 18.67
N GLU B 148 21.16 17.58 19.01
CA GLU B 148 21.95 17.05 20.12
C GLU B 148 23.43 17.03 19.77
N ILE B 149 23.79 16.59 18.56
CA ILE B 149 25.19 16.56 18.13
C ILE B 149 25.79 17.97 18.17
N LEU B 150 25.05 18.97 17.66
CA LEU B 150 25.56 20.34 17.70
C LEU B 150 25.81 20.81 19.12
N HIS B 151 24.86 20.55 20.03
CA HIS B 151 25.02 21.01 21.41
C HIS B 151 26.17 20.28 22.11
N LYS B 152 26.35 19.00 21.84
CA LYS B 152 27.35 18.23 22.57
C LYS B 152 28.74 18.39 21.98
N LYS B 153 28.85 18.47 20.66
CA LYS B 153 30.13 18.35 19.98
C LYS B 153 30.56 19.62 19.26
N TYR B 154 29.63 20.50 18.90
CA TYR B 154 29.95 21.70 18.12
C TYR B 154 29.38 22.98 18.72
N PRO B 155 29.61 23.24 20.00
CA PRO B 155 29.03 24.47 20.59
C PRO B 155 29.48 25.75 19.90
N GLN B 156 30.71 25.81 19.37
CA GLN B 156 31.12 27.04 18.69
C GLN B 156 30.25 27.31 17.47
N MET B 157 29.78 26.26 16.80
CA MET B 157 28.89 26.47 15.67
C MET B 157 27.55 27.05 16.10
N LEU B 158 27.02 26.63 17.25
CA LEU B 158 25.74 27.16 17.70
C LEU B 158 25.81 28.66 17.97
N GLU B 159 27.00 29.19 18.28
CA GLU B 159 27.12 30.63 18.52
C GLU B 159 26.59 31.43 17.35
N ARG B 160 26.72 30.90 16.13
CA ARG B 160 26.39 31.63 14.91
C ARG B 160 25.07 31.18 14.31
N ILE B 161 24.32 30.31 15.00
CA ILE B 161 23.07 29.75 14.49
C ILE B 161 21.90 30.52 15.09
N HIS B 162 20.98 30.96 14.24
CA HIS B 162 19.86 31.80 14.67
C HIS B 162 18.68 31.01 15.23
N GLY B 163 18.56 29.73 14.92
CA GLY B 163 17.43 29.00 15.45
C GLY B 163 17.35 27.60 14.89
N ILE B 164 16.46 26.82 15.50
CA ILE B 164 16.16 25.45 15.12
C ILE B 164 14.68 25.37 14.82
N THR B 165 14.30 24.72 13.74
CA THR B 165 12.90 24.44 13.48
C THR B 165 12.71 22.92 13.55
N GLU B 166 11.98 22.46 14.56
CA GLU B 166 11.89 21.04 14.90
C GLU B 166 10.55 20.47 14.48
N GLU B 167 10.61 19.33 13.80
CA GLU B 167 9.47 18.75 13.07
C GLU B 167 8.52 17.97 13.97
N THR B 168 9.04 17.21 14.94
CA THR B 168 8.29 16.07 15.45
C THR B 168 8.20 16.05 16.97
N THR B 169 7.15 15.37 17.46
CA THR B 169 6.84 15.34 18.89
C THR B 169 8.06 14.99 19.73
N THR B 170 8.78 13.92 19.35
CA THR B 170 9.94 13.50 20.12
C THR B 170 11.02 14.58 20.15
N GLY B 171 11.27 15.23 19.01
CA GLY B 171 12.27 16.30 18.98
C GLY B 171 11.88 17.47 19.86
N VAL B 172 10.59 17.82 19.87
CA VAL B 172 10.12 18.90 20.72
C VAL B 172 10.33 18.56 22.19
N HIS B 173 10.03 17.32 22.57
CA HIS B 173 10.26 16.93 23.96
C HIS B 173 11.72 17.12 24.34
N ARG B 174 12.64 16.75 23.43
CA ARG B 174 14.07 16.93 23.71
C ARG B 174 14.44 18.41 23.83
N LEU B 175 13.86 19.27 22.99
CA LEU B 175 14.10 20.71 23.10
C LEU B 175 13.64 21.23 24.45
N LEU B 176 12.45 20.83 24.89
CA LEU B 176 11.90 21.33 26.13
C LEU B 176 12.71 20.85 27.33
N ASP B 177 13.28 19.63 27.25
CA ASP B 177 14.21 19.18 28.28
C ASP B 177 15.43 20.09 28.34
N MET B 178 16.00 20.43 27.19
CA MET B 178 17.17 21.30 27.19
CA MET B 178 17.16 21.32 27.17
C MET B 178 16.81 22.69 27.71
N LEU B 179 15.64 23.21 27.33
CA LEU B 179 15.22 24.51 27.84
C LEU B 179 15.08 24.51 29.35
N LYS B 180 14.44 23.47 29.90
CA LYS B 180 14.27 23.40 31.35
C LYS B 180 15.61 23.25 32.08
N ASN B 181 16.58 22.58 31.46
CA ASN B 181 17.88 22.41 32.07
C ASN B 181 18.82 23.58 31.82
N GLY B 182 18.39 24.57 31.04
CA GLY B 182 19.25 25.67 30.71
C GLY B 182 20.40 25.33 29.79
N THR B 183 20.27 24.25 29.00
CA THR B 183 21.31 23.85 28.06
C THR B 183 20.97 24.18 26.60
N LEU B 184 19.75 24.62 26.31
CA LEU B 184 19.43 24.98 24.94
C LEU B 184 20.14 26.29 24.58
N LYS B 185 20.82 26.30 23.44
CA LYS B 185 21.69 27.43 23.12
C LYS B 185 21.09 28.40 22.10
N VAL B 186 20.08 27.98 21.36
CA VAL B 186 19.44 28.84 20.36
C VAL B 186 17.93 28.62 20.42
N PRO B 187 17.15 29.62 20.04
CA PRO B 187 15.69 29.47 20.10
C PRO B 187 15.19 28.48 19.05
N ALA B 188 13.99 27.96 19.31
CA ALA B 188 13.40 26.98 18.42
C ALA B 188 11.95 27.31 18.14
N ILE B 189 11.49 26.88 16.97
CA ILE B 189 10.06 26.81 16.68
C ILE B 189 9.66 25.34 16.71
N ASN B 190 8.62 25.05 17.50
CA ASN B 190 7.95 23.77 17.54
C ASN B 190 7.00 23.75 16.34
N VAL B 191 7.45 23.14 15.24
CA VAL B 191 6.62 23.01 14.05
C VAL B 191 5.56 21.94 14.27
N ASN B 192 5.88 20.93 15.10
CA ASN B 192 4.95 19.83 15.32
C ASN B 192 3.57 20.33 15.72
N ASP B 193 3.50 21.39 16.53
CA ASP B 193 2.24 21.74 17.16
C ASP B 193 1.39 22.74 16.39
N SER B 194 1.74 23.09 15.15
CA SER B 194 0.72 23.68 14.28
C SER B 194 -0.39 22.67 14.06
N VAL B 195 -1.64 23.14 13.96
CA VAL B 195 -2.71 22.18 13.70
C VAL B 195 -2.53 21.54 12.33
N THR B 196 -2.07 22.31 11.35
CA THR B 196 -1.80 21.79 10.01
C THR B 196 -0.56 20.91 9.97
N LYS B 197 0.07 20.66 11.12
CA LYS B 197 1.09 19.64 11.24
C LYS B 197 0.54 18.49 12.09
N SER B 198 0.47 18.69 13.40
CA SER B 198 0.09 17.63 14.34
C SER B 198 -1.21 16.92 13.95
N LYS B 199 -2.26 17.67 13.65
CA LYS B 199 -3.55 17.06 13.40
CA LYS B 199 -3.56 17.07 13.39
C LYS B 199 -3.78 16.79 11.93
N ASN B 200 -2.71 16.79 11.14
CA ASN B 200 -2.71 16.49 9.71
C ASN B 200 -1.68 15.38 9.49
N ASP B 201 -0.40 15.74 9.51
CA ASP B 201 0.72 14.81 9.42
C ASP B 201 0.62 13.66 10.43
N ASN B 202 0.62 13.98 11.74
CA ASN B 202 0.82 12.91 12.71
C ASN B 202 -0.32 11.90 12.65
N LYS B 203 -1.54 12.39 12.42
CA LYS B 203 -2.73 11.53 12.40
C LYS B 203 -3.01 10.98 10.99
N TYR B 204 -3.42 11.86 10.06
CA TYR B 204 -3.82 11.38 8.73
C TYR B 204 -2.64 10.81 7.95
N GLY B 205 -1.42 11.31 8.16
CA GLY B 205 -0.27 10.73 7.49
C GLY B 205 -0.10 9.28 7.83
N CYS B 206 -0.24 8.93 9.12
CA CYS B 206 -0.12 7.54 9.53
C CYS B 206 -1.32 6.72 9.06
N ARG B 207 -2.50 7.33 8.98
N ARG B 207 -2.51 7.33 9.00
CA ARG B 207 -3.65 6.63 8.40
CA ARG B 207 -3.65 6.61 8.41
C ARG B 207 -3.36 6.17 6.97
C ARG B 207 -3.36 6.17 6.97
N HIS B 208 -2.76 7.05 6.17
CA HIS B 208 -2.41 6.69 4.80
C HIS B 208 -1.29 5.66 4.75
N SER B 209 -0.26 5.83 5.57
CA SER B 209 1.00 5.15 5.31
C SER B 209 1.26 3.91 6.16
N LEU B 210 0.53 3.69 7.27
CA LEU B 210 0.76 2.47 8.05
C LEU B 210 0.34 1.22 7.27
N ASN B 211 -0.94 1.14 6.86
CA ASN B 211 -1.36 -0.03 6.11
CA ASN B 211 -1.36 -0.02 6.09
C ASN B 211 -0.56 -0.16 4.81
N ASP B 212 -0.14 0.96 4.22
CA ASP B 212 0.69 0.95 3.02
C ASP B 212 1.97 0.17 3.28
N ALA B 213 2.68 0.51 4.36
CA ALA B 213 3.94 -0.17 4.68
C ALA B 213 3.74 -1.65 5.01
N ILE B 214 2.67 -1.99 5.74
CA ILE B 214 2.46 -3.40 6.07
C ILE B 214 2.17 -4.20 4.81
N LYS B 215 1.37 -3.65 3.92
CA LYS B 215 1.11 -4.32 2.65
C LYS B 215 2.39 -4.51 1.84
N ARG B 216 3.22 -3.46 1.74
CA ARG B 216 4.42 -3.61 0.92
C ARG B 216 5.38 -4.61 1.55
N GLY B 217 5.48 -4.63 2.89
CA GLY B 217 6.44 -5.53 3.52
C GLY B 217 6.01 -6.99 3.46
N THR B 218 4.70 -7.25 3.68
CA THR B 218 4.21 -8.60 3.86
C THR B 218 3.17 -9.04 2.85
N ASP B 219 2.49 -8.11 2.20
CA ASP B 219 1.32 -8.43 1.39
C ASP B 219 0.23 -9.20 2.17
N HIS B 220 0.20 -9.05 3.50
CA HIS B 220 -0.83 -9.72 4.30
C HIS B 220 -2.19 -9.08 4.11
N LEU B 221 -3.20 -9.93 3.91
CA LEU B 221 -4.57 -9.50 4.19
C LEU B 221 -4.64 -8.96 5.62
N LEU B 222 -5.26 -7.80 5.78
CA LEU B 222 -5.52 -7.25 7.10
C LEU B 222 -6.94 -7.49 7.59
N SER B 223 -7.93 -7.48 6.70
CA SER B 223 -9.33 -7.64 7.09
CA SER B 223 -9.31 -7.62 7.12
C SER B 223 -9.50 -8.92 7.88
N GLY B 224 -10.24 -8.85 8.98
CA GLY B 224 -10.57 -10.04 9.73
C GLY B 224 -9.56 -10.43 10.79
N LYS B 225 -8.40 -9.78 10.82
CA LYS B 225 -7.31 -10.11 11.72
CA LYS B 225 -7.34 -10.12 11.74
C LYS B 225 -7.31 -9.15 12.91
N GLN B 226 -6.61 -9.57 13.98
CA GLN B 226 -6.57 -8.84 15.25
CA GLN B 226 -6.58 -8.81 15.22
C GLN B 226 -5.31 -7.98 15.33
N ALA B 227 -5.50 -6.70 15.65
CA ALA B 227 -4.42 -5.75 15.85
C ALA B 227 -4.45 -5.19 17.26
N LEU B 228 -3.27 -4.87 17.79
CA LEU B 228 -3.11 -4.14 19.03
C LEU B 228 -2.25 -2.92 18.73
N VAL B 229 -2.81 -1.73 18.95
CA VAL B 229 -2.10 -0.48 18.78
C VAL B 229 -1.76 0.02 20.16
N ILE B 230 -0.47 0.17 20.44
CA ILE B 230 0.00 0.73 21.69
C ILE B 230 0.08 2.24 21.54
N GLY B 231 -0.82 2.95 22.21
CA GLY B 231 -0.85 4.40 22.17
C GLY B 231 -2.02 4.90 21.34
N TYR B 232 -2.54 6.06 21.73
CA TYR B 232 -3.69 6.67 21.05
C TYR B 232 -3.59 8.19 21.10
N GLY B 233 -2.36 8.73 20.95
CA GLY B 233 -2.16 10.13 20.63
C GLY B 233 -2.43 10.33 19.16
N ASP B 234 -1.79 11.34 18.55
CA ASP B 234 -2.09 11.63 17.15
C ASP B 234 -1.68 10.47 16.25
N VAL B 235 -0.49 9.92 16.46
CA VAL B 235 -0.02 8.79 15.65
C VAL B 235 -0.86 7.54 15.92
N GLY B 236 -1.15 7.26 17.20
CA GLY B 236 -1.99 6.11 17.52
C GLY B 236 -3.40 6.23 16.95
N LYS B 237 -3.95 7.45 16.91
CA LYS B 237 -5.28 7.64 16.32
C LYS B 237 -5.25 7.34 14.82
N GLY B 238 -4.26 7.88 14.10
CA GLY B 238 -4.18 7.65 12.67
C GLY B 238 -3.86 6.19 12.35
N SER B 239 -3.00 5.58 13.16
CA SER B 239 -2.60 4.19 12.98
C SER B 239 -3.79 3.26 13.18
N SER B 240 -4.57 3.49 14.24
CA SER B 240 -5.74 2.65 14.50
C SER B 240 -6.74 2.75 13.36
N GLN B 241 -6.93 3.98 12.84
CA GLN B 241 -7.83 4.14 11.69
C GLN B 241 -7.28 3.45 10.45
N SER B 242 -5.95 3.53 10.22
CA SER B 242 -5.34 2.87 9.08
C SER B 242 -5.70 1.38 9.06
N LEU B 243 -5.72 0.75 10.25
CA LEU B 243 -5.99 -0.67 10.34
C LEU B 243 -7.49 -0.97 10.37
N ARG B 244 -8.27 -0.17 11.11
N ARG B 244 -8.27 -0.19 11.12
CA ARG B 244 -9.70 -0.40 11.21
CA ARG B 244 -9.69 -0.49 11.17
C ARG B 244 -10.40 -0.24 9.86
C ARG B 244 -10.38 -0.28 9.83
N GLN B 245 -9.96 0.73 9.05
CA GLN B 245 -10.60 0.93 7.76
C GLN B 245 -10.34 -0.22 6.80
N GLU B 246 -9.25 -0.97 7.02
CA GLU B 246 -8.97 -2.20 6.28
C GLU B 246 -9.76 -3.40 6.78
N GLY B 247 -10.55 -3.24 7.85
CA GLY B 247 -11.29 -4.34 8.43
C GLY B 247 -10.57 -5.10 9.55
N MET B 248 -9.45 -4.57 10.07
CA MET B 248 -8.89 -5.22 11.25
C MET B 248 -9.80 -5.03 12.46
N ILE B 249 -9.73 -5.99 13.39
CA ILE B 249 -10.33 -5.84 14.71
C ILE B 249 -9.24 -5.24 15.59
N VAL B 250 -9.36 -3.95 15.90
CA VAL B 250 -8.30 -3.18 16.52
C VAL B 250 -8.59 -3.00 18.00
N LYS B 251 -7.62 -3.37 18.84
CA LYS B 251 -7.63 -3.04 20.25
C LYS B 251 -6.55 -1.99 20.51
N VAL B 252 -6.77 -1.14 21.51
CA VAL B 252 -5.91 0.01 21.77
C VAL B 252 -5.46 -0.03 23.23
N ALA B 253 -4.16 0.17 23.46
CA ALA B 253 -3.61 0.35 24.81
C ALA B 253 -3.25 1.82 25.02
N GLU B 254 -3.42 2.30 26.25
CA GLU B 254 -3.05 3.67 26.57
C GLU B 254 -2.74 3.79 28.04
N VAL B 255 -1.86 4.74 28.38
CA VAL B 255 -1.66 5.16 29.76
C VAL B 255 -2.45 6.42 30.09
N ASP B 256 -2.91 7.17 29.08
CA ASP B 256 -3.57 8.43 29.32
C ASP B 256 -5.07 8.17 29.27
N PRO B 257 -5.82 8.33 30.37
CA PRO B 257 -7.23 7.95 30.33
C PRO B 257 -8.08 8.80 29.39
N ILE B 258 -7.68 10.05 29.13
CA ILE B 258 -8.43 10.87 28.16
C ILE B 258 -8.27 10.28 26.76
N CYS B 259 -7.04 9.95 26.35
CA CYS B 259 -6.85 9.29 25.06
C CYS B 259 -7.56 7.96 25.00
N ALA B 260 -7.57 7.20 26.11
CA ALA B 260 -8.31 5.93 26.14
C ALA B 260 -9.81 6.16 25.97
N MET B 261 -10.35 7.23 26.58
CA MET B 261 -11.77 7.54 26.42
CA MET B 261 -11.77 7.55 26.42
C MET B 261 -12.09 7.80 24.96
N GLN B 262 -11.21 8.52 24.26
CA GLN B 262 -11.43 8.76 22.85
C GLN B 262 -11.43 7.44 22.09
N ALA B 263 -10.51 6.53 22.42
CA ALA B 263 -10.48 5.23 21.74
C ALA B 263 -11.80 4.49 21.92
N CYS B 264 -12.33 4.47 23.15
CA CYS B 264 -13.61 3.80 23.38
C CYS B 264 -14.70 4.44 22.52
N MET B 265 -14.79 5.76 22.56
CA MET B 265 -15.84 6.44 21.81
C MET B 265 -15.66 6.29 20.31
N ASP B 266 -14.43 6.07 19.87
CA ASP B 266 -14.17 5.83 18.46
C ASP B 266 -14.45 4.41 18.04
N GLY B 267 -14.86 3.55 18.97
CA GLY B 267 -15.28 2.22 18.61
C GLY B 267 -14.22 1.16 18.80
N PHE B 268 -13.22 1.41 19.63
CA PHE B 268 -12.19 0.42 19.90
C PHE B 268 -12.30 -0.11 21.32
N GLU B 269 -11.90 -1.36 21.49
CA GLU B 269 -11.78 -1.96 22.81
C GLU B 269 -10.41 -1.59 23.38
N VAL B 270 -10.39 -1.06 24.60
CA VAL B 270 -9.17 -0.60 25.25
C VAL B 270 -8.68 -1.67 26.21
N VAL B 271 -7.46 -2.17 25.98
CA VAL B 271 -6.89 -3.30 26.70
C VAL B 271 -5.47 -2.95 27.12
N SER B 272 -4.96 -3.70 28.10
CA SER B 272 -3.55 -3.58 28.45
C SER B 272 -2.82 -4.90 28.19
N PRO B 273 -1.57 -4.85 27.74
CA PRO B 273 -0.78 -6.09 27.67
C PRO B 273 -0.60 -6.75 29.04
N TYR B 274 -0.80 -6.02 30.13
CA TYR B 274 -0.54 -6.50 31.49
C TYR B 274 -1.86 -6.68 32.23
N LYS B 275 -1.92 -7.70 33.07
CA LYS B 275 -3.10 -7.94 33.87
C LYS B 275 -3.37 -6.73 34.77
N ASN B 276 -4.58 -6.18 34.68
CA ASN B 276 -4.99 -4.99 35.41
C ASN B 276 -4.12 -3.77 35.08
N GLY B 277 -3.41 -3.82 33.97
CA GLY B 277 -2.57 -2.72 33.57
C GLY B 277 -1.26 -2.57 34.32
N ILE B 278 -0.86 -3.55 35.13
N ILE B 278 -0.90 -3.53 35.17
CA ILE B 278 0.29 -3.42 36.01
CA ILE B 278 0.25 -3.42 36.06
C ILE B 278 1.51 -4.08 35.37
C ILE B 278 1.32 -4.39 35.58
N ASN B 279 2.50 -3.26 35.03
N ASN B 279 2.43 -3.86 35.07
CA ASN B 279 3.71 -3.71 34.34
CA ASN B 279 3.58 -4.68 34.70
C ASN B 279 4.83 -3.84 35.38
C ASN B 279 4.47 -4.85 35.93
N ASP B 280 4.88 -5.00 36.03
N ASP B 280 4.65 -6.09 36.37
CA ASP B 280 5.80 -5.27 37.13
CA ASP B 280 5.67 -6.34 37.39
C ASP B 280 6.99 -6.14 36.76
C ASP B 280 7.07 -6.29 36.79
N GLY B 281 7.20 -6.40 35.47
CA GLY B 281 8.42 -6.98 34.95
C GLY B 281 8.46 -8.49 34.93
N THR B 282 7.44 -9.17 35.45
CA THR B 282 7.39 -10.63 35.48
C THR B 282 6.57 -11.15 34.30
N GLU B 283 6.88 -12.37 33.87
CA GLU B 283 6.05 -12.99 32.83
C GLU B 283 4.62 -13.18 33.31
N ALA B 284 4.43 -13.38 34.61
CA ALA B 284 3.09 -13.62 35.17
C ALA B 284 2.17 -12.43 34.95
N SER B 285 2.72 -11.23 34.80
CA SER B 285 1.87 -10.05 34.59
C SER B 285 1.37 -9.91 33.16
N ILE B 286 1.93 -10.67 32.20
CA ILE B 286 1.49 -10.58 30.82
C ILE B 286 0.13 -11.25 30.67
N ASP B 287 -0.79 -10.57 29.98
CA ASP B 287 -2.06 -11.17 29.61
C ASP B 287 -1.78 -12.05 28.40
N ALA B 288 -1.41 -13.31 28.68
CA ALA B 288 -1.00 -14.23 27.62
C ALA B 288 -2.16 -14.61 26.71
N ALA B 289 -3.37 -14.69 27.26
CA ALA B 289 -4.52 -14.99 26.41
C ALA B 289 -4.74 -13.89 25.38
N LEU B 290 -4.62 -12.63 25.80
CA LEU B 290 -4.79 -11.51 24.88
C LEU B 290 -3.70 -11.53 23.82
N LEU B 291 -2.43 -11.57 24.24
CA LEU B 291 -1.35 -11.45 23.27
C LEU B 291 -1.27 -12.64 22.33
N GLY B 292 -1.72 -13.82 22.80
CA GLY B 292 -1.77 -14.98 21.96
C GLY B 292 -2.81 -14.95 20.86
N LYS B 293 -3.66 -13.93 20.81
CA LYS B 293 -4.62 -13.79 19.70
C LYS B 293 -4.30 -12.61 18.80
N ILE B 294 -3.21 -11.89 19.03
CA ILE B 294 -2.85 -10.69 18.28
C ILE B 294 -2.04 -11.04 17.03
N ASP B 295 -2.52 -10.61 15.86
CA ASP B 295 -1.82 -10.84 14.60
C ASP B 295 -0.87 -9.72 14.21
N LEU B 296 -1.02 -8.54 14.80
CA LEU B 296 -0.24 -7.36 14.42
C LEU B 296 -0.18 -6.44 15.63
N ILE B 297 1.03 -6.02 16.00
CA ILE B 297 1.20 -5.04 17.07
C ILE B 297 1.96 -3.84 16.50
N VAL B 298 1.46 -2.64 16.78
CA VAL B 298 2.05 -1.38 16.31
CA VAL B 298 2.09 -1.41 16.32
C VAL B 298 2.28 -0.48 17.51
N THR B 299 3.50 0.02 17.68
CA THR B 299 3.82 0.96 18.75
C THR B 299 3.81 2.39 18.21
N THR B 300 3.21 3.32 18.97
CA THR B 300 2.96 4.68 18.50
C THR B 300 3.29 5.75 19.55
N THR B 301 4.10 5.44 20.56
CA THR B 301 4.06 6.20 21.80
C THR B 301 5.12 7.29 21.92
N GLY B 302 6.28 7.15 21.27
CA GLY B 302 7.40 7.99 21.66
C GLY B 302 8.02 7.62 23.00
N ASN B 303 7.61 6.51 23.60
CA ASN B 303 8.11 6.09 24.91
C ASN B 303 9.03 4.88 24.70
N VAL B 304 9.52 4.34 25.81
CA VAL B 304 10.54 3.29 25.79
C VAL B 304 9.92 1.95 26.21
N ASN B 305 10.23 0.90 25.44
CA ASN B 305 9.93 -0.48 25.81
CA ASN B 305 9.93 -0.48 25.81
C ASN B 305 8.44 -0.69 26.06
N VAL B 306 7.61 -0.22 25.12
CA VAL B 306 6.17 -0.44 25.23
C VAL B 306 5.73 -1.75 24.58
N CYS B 307 6.61 -2.39 23.82
CA CYS B 307 6.41 -3.76 23.37
C CYS B 307 7.66 -4.48 23.86
N ASP B 308 7.57 -5.06 25.06
CA ASP B 308 8.72 -5.55 25.80
C ASP B 308 9.00 -7.02 25.51
N ALA B 309 10.06 -7.55 26.14
CA ALA B 309 10.49 -8.91 25.84
C ALA B 309 9.40 -9.92 26.20
N ASN B 310 8.75 -9.74 27.34
CA ASN B 310 7.70 -10.69 27.73
C ASN B 310 6.50 -10.62 26.79
N MET B 311 6.17 -9.43 26.30
CA MET B 311 5.11 -9.33 25.29
C MET B 311 5.50 -10.07 24.03
N LEU B 312 6.74 -9.89 23.57
CA LEU B 312 7.18 -10.56 22.34
C LEU B 312 7.15 -12.07 22.49
N LYS B 313 7.52 -12.59 23.67
CA LYS B 313 7.45 -14.01 23.94
C LYS B 313 6.02 -14.53 23.89
N ALA B 314 5.04 -13.69 24.25
CA ALA B 314 3.65 -14.13 24.37
C ALA B 314 2.82 -13.94 23.09
N LEU B 315 3.34 -13.20 22.10
CA LEU B 315 2.54 -12.94 20.92
C LEU B 315 2.23 -14.23 20.17
N LYS B 316 1.06 -14.24 19.53
CA LYS B 316 0.67 -15.31 18.61
C LYS B 316 1.78 -15.59 17.61
N LYS B 317 1.98 -16.86 17.28
CA LYS B 317 2.93 -17.22 16.23
CA LYS B 317 2.94 -17.21 16.24
C LYS B 317 2.60 -16.48 14.95
N ARG B 318 3.64 -16.00 14.26
CA ARG B 318 3.56 -15.34 12.97
C ARG B 318 2.94 -13.94 13.03
N ALA B 319 2.79 -13.38 14.25
CA ALA B 319 2.37 -11.99 14.37
C ALA B 319 3.39 -11.06 13.71
N VAL B 320 2.90 -9.96 13.15
CA VAL B 320 3.73 -8.87 12.64
C VAL B 320 3.94 -7.86 13.75
N VAL B 321 5.19 -7.42 13.90
CA VAL B 321 5.60 -6.46 14.93
C VAL B 321 6.20 -5.25 14.22
N CYS B 322 5.71 -4.05 14.55
CA CYS B 322 6.27 -2.85 13.95
C CYS B 322 6.07 -1.65 14.86
N ASN B 323 6.83 -0.60 14.55
CA ASN B 323 6.88 0.64 15.30
C ASN B 323 6.74 1.80 14.32
N ILE B 324 5.85 2.74 14.67
CA ILE B 324 5.69 3.95 13.88
C ILE B 324 6.01 5.21 14.69
N GLY B 325 6.43 5.04 15.95
CA GLY B 325 7.05 6.13 16.68
C GLY B 325 8.46 6.45 16.18
N HIS B 326 9.03 7.56 16.65
CA HIS B 326 10.25 8.08 16.05
C HIS B 326 11.45 7.13 16.20
N PHE B 327 11.62 6.52 17.37
CA PHE B 327 12.80 5.71 17.67
C PHE B 327 12.43 4.24 17.87
N ASP B 328 13.40 3.34 17.56
CA ASP B 328 13.12 1.90 17.58
C ASP B 328 13.02 1.32 19.00
N ASN B 329 13.50 2.04 20.02
CA ASN B 329 13.46 1.50 21.37
C ASN B 329 12.04 1.35 21.94
N GLU B 330 11.00 1.68 21.18
CA GLU B 330 9.63 1.33 21.60
C GLU B 330 9.47 -0.18 21.72
N ILE B 331 10.18 -0.95 20.89
CA ILE B 331 10.17 -2.41 20.91
C ILE B 331 11.52 -2.86 21.43
N ASP B 332 11.51 -3.91 22.26
CA ASP B 332 12.77 -4.49 22.74
C ASP B 332 13.39 -5.36 21.64
N THR B 333 13.90 -4.69 20.60
CA THR B 333 14.61 -5.44 19.55
C THR B 333 15.96 -5.95 20.04
N ALA B 334 16.56 -5.28 21.03
CA ALA B 334 17.81 -5.78 21.60
C ALA B 334 17.62 -7.18 22.15
N PHE B 335 16.53 -7.40 22.89
CA PHE B 335 16.22 -8.75 23.37
C PHE B 335 16.14 -9.74 22.22
N MET B 336 15.50 -9.35 21.11
CA MET B 336 15.38 -10.29 20.00
CA MET B 336 15.37 -10.27 19.98
C MET B 336 16.72 -10.53 19.32
N ARG B 337 17.58 -9.52 19.26
CA ARG B 337 18.90 -9.73 18.67
C ARG B 337 19.74 -10.66 19.51
N LYS B 338 19.56 -10.61 20.83
CA LYS B 338 20.37 -11.42 21.74
C LYS B 338 19.91 -12.88 21.78
N ASN B 339 18.62 -13.13 21.59
CA ASN B 339 18.08 -14.44 21.90
C ASN B 339 17.57 -15.24 20.71
N TRP B 340 17.19 -14.58 19.61
CA TRP B 340 16.44 -15.23 18.55
C TRP B 340 17.13 -15.03 17.20
N ALA B 341 16.96 -15.99 16.30
CA ALA B 341 17.63 -15.94 15.00
C ALA B 341 16.83 -15.08 14.02
N TRP B 342 17.52 -14.25 13.26
CA TRP B 342 16.88 -13.37 12.28
C TRP B 342 17.07 -13.93 10.87
N GLU B 343 15.96 -14.19 10.18
CA GLU B 343 15.96 -14.60 8.79
C GLU B 343 15.45 -13.42 7.97
N GLU B 344 16.31 -12.86 7.13
CA GLU B 344 15.86 -11.75 6.30
C GLU B 344 15.01 -12.29 5.16
N VAL B 345 13.78 -11.77 5.04
CA VAL B 345 12.93 -12.11 3.89
C VAL B 345 13.32 -11.27 2.69
N LYS B 346 13.43 -9.96 2.91
CA LYS B 346 13.89 -8.96 1.98
C LYS B 346 14.24 -7.75 2.81
N PRO B 347 14.82 -6.69 2.22
CA PRO B 347 15.18 -5.54 3.05
C PRO B 347 13.98 -5.03 3.86
N GLN B 348 14.23 -4.76 5.14
CA GLN B 348 13.24 -4.26 6.09
C GLN B 348 12.15 -5.27 6.42
N VAL B 349 12.35 -6.56 6.11
CA VAL B 349 11.41 -7.59 6.53
C VAL B 349 12.21 -8.76 7.07
N HIS B 350 12.07 -9.05 8.37
CA HIS B 350 12.80 -10.14 8.98
C HIS B 350 11.84 -11.07 9.72
N LYS B 351 12.04 -12.38 9.54
CA LYS B 351 11.42 -13.36 10.41
C LYS B 351 12.30 -13.58 11.62
N ILE B 352 11.73 -13.43 12.80
CA ILE B 352 12.45 -13.56 14.07
C ILE B 352 12.04 -14.89 14.65
N HIS B 353 12.97 -15.85 14.66
CA HIS B 353 12.66 -17.23 15.00
C HIS B 353 12.83 -17.43 16.50
N ARG B 354 11.71 -17.70 17.19
CA ARG B 354 11.72 -17.79 18.65
C ARG B 354 12.24 -19.13 19.16
N THR B 355 12.72 -19.98 18.27
CA THR B 355 13.28 -21.28 18.64
C THR B 355 14.67 -21.16 19.28
N GLY B 356 15.35 -20.03 19.13
CA GLY B 356 16.70 -19.88 19.63
C GLY B 356 17.53 -19.07 18.64
N LYS B 357 18.82 -18.94 18.92
CA LYS B 357 19.65 -18.09 18.06
C LYS B 357 20.67 -18.84 17.22
N ASP B 358 20.74 -20.16 17.31
CA ASP B 358 21.81 -20.92 16.64
C ASP B 358 21.32 -21.36 15.27
N GLY B 359 21.27 -20.40 14.34
CA GLY B 359 20.70 -20.65 13.04
C GLY B 359 19.19 -20.73 13.14
N PHE B 360 18.55 -21.02 12.01
CA PHE B 360 17.10 -21.10 11.97
C PHE B 360 16.69 -22.19 11.01
N ASP B 361 15.47 -22.67 11.20
CA ASP B 361 14.82 -23.60 10.29
C ASP B 361 13.92 -22.77 9.37
N ALA B 362 14.19 -22.82 8.07
CA ALA B 362 13.41 -22.05 7.10
C ALA B 362 11.93 -22.41 7.14
N HIS B 363 11.57 -23.58 7.67
CA HIS B 363 10.18 -24.00 7.79
C HIS B 363 9.62 -23.95 9.20
N ASN B 364 10.32 -23.32 10.14
CA ASN B 364 9.82 -23.17 11.50
C ASN B 364 8.55 -22.32 11.49
N ASP B 365 7.55 -22.74 12.27
CA ASP B 365 6.30 -22.00 12.35
C ASP B 365 6.30 -20.94 13.45
N ASP B 366 7.27 -20.98 14.36
CA ASP B 366 7.28 -20.11 15.53
C ASP B 366 8.22 -18.93 15.31
N TYR B 367 7.71 -17.94 14.55
CA TYR B 367 8.46 -16.72 14.28
C TYR B 367 7.52 -15.52 14.36
N LEU B 368 8.12 -14.35 14.54
CA LEU B 368 7.44 -13.07 14.34
C LEU B 368 7.98 -12.41 13.07
N ILE B 369 7.18 -11.57 12.43
CA ILE B 369 7.70 -10.77 11.31
C ILE B 369 7.91 -9.35 11.82
N LEU B 370 9.16 -8.92 11.85
CA LEU B 370 9.55 -7.58 12.28
C LEU B 370 9.77 -6.74 11.04
N LEU B 371 9.14 -5.55 11.00
CA LEU B 371 9.27 -4.65 9.87
C LEU B 371 10.25 -3.54 10.21
N ALA B 372 11.12 -3.23 9.25
CA ALA B 372 12.08 -2.11 9.32
C ALA B 372 13.00 -2.20 10.53
N GLU B 373 13.23 -3.43 11.02
CA GLU B 373 14.08 -3.66 12.20
C GLU B 373 13.61 -2.81 13.38
N GLY B 374 12.30 -2.54 13.44
CA GLY B 374 11.75 -1.75 14.51
C GLY B 374 11.82 -0.24 14.31
N ARG B 375 12.39 0.23 13.21
CA ARG B 375 12.44 1.66 12.91
C ARG B 375 11.11 2.09 12.27
N LEU B 376 10.88 3.41 12.24
CA LEU B 376 9.62 3.99 11.71
C LEU B 376 9.14 3.22 10.51
N VAL B 377 7.99 2.53 10.62
CA VAL B 377 7.63 1.53 9.61
C VAL B 377 7.08 2.17 8.35
N ASN B 378 6.36 3.29 8.49
CA ASN B 378 5.78 3.90 7.29
C ASN B 378 6.86 4.35 6.33
N LEU B 379 7.95 4.93 6.85
CA LEU B 379 9.06 5.35 6.00
C LEU B 379 9.98 4.20 5.66
N GLY B 380 10.10 3.19 6.54
CA GLY B 380 11.05 2.12 6.32
C GLY B 380 10.57 1.15 5.27
N ASN B 381 9.26 0.84 5.28
CA ASN B 381 8.71 -0.17 4.39
C ASN B 381 7.84 0.42 3.27
N ALA B 382 7.57 1.71 3.30
CA ALA B 382 6.88 2.36 2.20
C ALA B 382 7.54 3.72 1.95
N THR B 383 6.77 4.78 1.77
CA THR B 383 7.36 6.08 1.45
C THR B 383 6.95 7.15 2.45
N GLY B 384 6.53 6.74 3.65
CA GLY B 384 6.04 7.73 4.59
C GLY B 384 4.76 8.40 4.12
N HIS B 385 4.53 9.60 4.65
CA HIS B 385 3.30 10.32 4.38
C HIS B 385 3.26 10.79 2.92
N PRO B 386 2.07 10.97 2.35
CA PRO B 386 1.96 11.47 0.99
C PRO B 386 2.22 12.97 0.89
N SER B 387 2.66 13.38 -0.30
CA SER B 387 2.97 14.79 -0.56
C SER B 387 1.88 15.75 -0.09
N ARG B 388 0.60 15.43 -0.36
CA ARG B 388 -0.43 16.42 -0.06
C ARG B 388 -0.61 16.62 1.45
N ILE B 389 -0.22 15.64 2.26
CA ILE B 389 -0.21 15.81 3.71
C ILE B 389 1.05 16.53 4.16
N MET B 390 2.21 16.13 3.62
CA MET B 390 3.47 16.77 4.01
C MET B 390 3.49 18.24 3.60
N ASP B 391 2.69 18.63 2.59
CA ASP B 391 2.52 20.03 2.24
C ASP B 391 2.30 20.90 3.47
N GLY B 392 1.40 20.47 4.37
CA GLY B 392 1.12 21.25 5.57
C GLY B 392 2.33 21.38 6.46
N SER B 393 2.96 20.24 6.79
CA SER B 393 4.11 20.27 7.68
C SER B 393 5.22 21.14 7.12
N PHE B 394 5.46 21.01 5.82
CA PHE B 394 6.63 21.66 5.23
C PHE B 394 6.38 23.13 4.93
N ALA B 395 5.12 23.53 4.67
CA ALA B 395 4.82 24.96 4.63
C ALA B 395 5.07 25.59 5.99
N ASN B 396 4.69 24.90 7.07
CA ASN B 396 5.06 25.38 8.39
C ASN B 396 6.58 25.49 8.57
N GLN B 397 7.34 24.48 8.13
CA GLN B 397 8.80 24.53 8.28
C GLN B 397 9.37 25.77 7.58
N VAL B 398 8.89 26.07 6.37
CA VAL B 398 9.42 27.21 5.62
C VAL B 398 9.12 28.51 6.36
N LEU B 399 7.88 28.66 6.84
CA LEU B 399 7.53 29.86 7.58
C LEU B 399 8.38 30.00 8.84
N ALA B 400 8.62 28.89 9.54
CA ALA B 400 9.42 28.93 10.77
C ALA B 400 10.86 29.30 10.48
N GLN B 401 11.43 28.76 9.39
CA GLN B 401 12.78 29.10 8.97
C GLN B 401 12.88 30.58 8.63
N ILE B 402 11.91 31.11 7.89
CA ILE B 402 11.90 32.54 7.59
C ILE B 402 11.89 33.35 8.88
N HIS B 403 11.02 32.99 9.83
CA HIS B 403 10.87 33.82 11.02
C HIS B 403 12.15 33.83 11.85
N LEU B 404 12.71 32.66 12.16
CA LEU B 404 13.90 32.64 13.00
C LEU B 404 15.09 33.25 12.28
N PHE B 405 15.20 33.04 10.96
CA PHE B 405 16.31 33.65 10.24
C PHE B 405 16.20 35.16 10.24
N GLU B 406 14.98 35.70 10.08
CA GLU B 406 14.79 37.15 10.12
C GLU B 406 15.09 37.72 11.49
N GLN B 407 14.81 36.96 12.56
CA GLN B 407 15.02 37.44 13.92
C GLN B 407 16.51 37.59 14.24
N LYS B 408 17.37 36.79 13.61
CA LYS B 408 18.82 36.96 13.71
C LYS B 408 19.33 36.85 15.16
N TYR B 409 18.87 35.83 15.88
CA TYR B 409 19.25 35.67 17.29
C TYR B 409 20.76 35.66 17.51
N ALA B 410 21.51 35.02 16.61
CA ALA B 410 22.96 34.92 16.83
C ALA B 410 23.65 36.28 16.89
N ASP B 411 23.07 37.29 16.24
CA ASP B 411 23.65 38.63 16.20
C ASP B 411 23.19 39.51 17.36
N LEU B 412 22.26 39.03 18.18
CA LEU B 412 21.78 39.82 19.30
C LEU B 412 22.81 39.86 20.43
N PRO B 413 22.88 40.98 21.15
CA PRO B 413 23.68 41.02 22.39
C PRO B 413 23.14 40.01 23.39
N ALA B 414 24.01 39.66 24.35
CA ALA B 414 23.69 38.63 25.34
C ALA B 414 22.39 38.94 26.07
N ALA B 415 22.18 40.20 26.45
CA ALA B 415 20.97 40.54 27.20
C ALA B 415 19.73 40.35 26.36
N GLU B 416 19.82 40.57 25.05
CA GLU B 416 18.67 40.42 24.18
C GLU B 416 18.44 38.95 23.83
N LYS B 417 19.52 38.19 23.66
CA LYS B 417 19.37 36.74 23.53
C LYS B 417 18.56 36.16 24.67
N ALA B 418 18.85 36.61 25.91
CA ALA B 418 18.17 36.03 27.06
C ALA B 418 16.67 36.17 26.99
N LYS B 419 16.18 37.27 26.42
CA LYS B 419 14.74 37.51 26.31
C LYS B 419 14.11 36.71 25.18
N ARG B 420 14.89 36.19 24.24
CA ARG B 420 14.34 35.51 23.09
C ARG B 420 14.61 34.01 23.08
N LEU B 421 15.28 33.49 24.10
CA LEU B 421 15.62 32.06 24.12
C LEU B 421 14.39 31.29 24.58
N SER B 422 13.69 30.67 23.63
CA SER B 422 12.43 30.03 23.96
C SER B 422 12.11 28.99 22.88
N VAL B 423 11.10 28.18 23.16
CA VAL B 423 10.49 27.29 22.18
C VAL B 423 9.06 27.77 21.94
N GLU B 424 8.77 28.19 20.71
CA GLU B 424 7.50 28.81 20.39
C GLU B 424 6.85 28.05 19.25
N VAL B 425 5.55 28.29 19.07
CA VAL B 425 4.80 27.79 17.91
C VAL B 425 4.50 28.94 16.98
N LEU B 426 4.11 28.62 15.75
CA LEU B 426 3.67 29.63 14.81
C LEU B 426 2.33 30.22 15.22
N PRO B 427 2.09 31.49 14.90
CA PRO B 427 0.79 32.10 15.21
C PRO B 427 -0.34 31.42 14.47
N LYS B 428 -1.53 31.45 15.07
CA LYS B 428 -2.69 30.79 14.49
C LYS B 428 -3.02 31.32 13.09
N LYS B 429 -2.83 32.63 12.86
CA LYS B 429 -3.15 33.19 11.55
C LYS B 429 -2.38 32.47 10.44
N LEU B 430 -1.10 32.15 10.67
CA LEU B 430 -0.33 31.44 9.65
C LEU B 430 -0.78 29.99 9.51
N ASP B 431 -1.08 29.33 10.63
CA ASP B 431 -1.66 27.99 10.61
C ASP B 431 -2.90 27.98 9.71
N GLU B 432 -3.79 28.97 9.89
CA GLU B 432 -5.00 29.07 9.08
C GLU B 432 -4.68 29.31 7.61
N GLU B 433 -3.65 30.13 7.33
CA GLU B 433 -3.34 30.41 5.93
C GLU B 433 -2.76 29.18 5.24
N VAL B 434 -1.98 28.38 5.96
CA VAL B 434 -1.54 27.09 5.40
C VAL B 434 -2.75 26.21 5.12
N ALA B 435 -3.66 26.11 6.09
CA ALA B 435 -4.84 25.27 5.91
C ALA B 435 -5.67 25.72 4.72
N LEU B 436 -5.80 27.03 4.51
CA LEU B 436 -6.60 27.51 3.39
C LEU B 436 -6.03 27.02 2.05
N GLU B 437 -4.70 27.06 1.90
CA GLU B 437 -4.09 26.55 0.68
C GLU B 437 -4.32 25.05 0.52
N MET B 438 -4.24 24.30 1.62
CA MET B 438 -4.54 22.87 1.57
C MET B 438 -5.98 22.64 1.10
N VAL B 439 -6.94 23.37 1.68
CA VAL B 439 -8.35 23.17 1.30
C VAL B 439 -8.55 23.47 -0.18
N LYS B 440 -8.00 24.59 -0.66
CA LYS B 440 -8.14 24.91 -2.08
C LYS B 440 -7.53 23.81 -2.96
N GLY B 441 -6.48 23.15 -2.46
CA GLY B 441 -5.86 22.06 -3.21
C GLY B 441 -6.81 20.91 -3.47
N PHE B 442 -7.76 20.68 -2.55
CA PHE B 442 -8.81 19.68 -2.77
C PHE B 442 -9.95 20.20 -3.62
N GLY B 443 -9.92 21.47 -4.00
CA GLY B 443 -11.07 22.08 -4.63
C GLY B 443 -12.11 22.56 -3.65
N GLY B 444 -11.81 22.56 -2.35
CA GLY B 444 -12.78 23.01 -1.37
C GLY B 444 -12.95 24.51 -1.40
N VAL B 445 -14.14 24.97 -1.01
CA VAL B 445 -14.50 26.39 -1.01
C VAL B 445 -14.88 26.79 0.41
N VAL B 446 -14.05 27.61 1.02
CA VAL B 446 -14.29 28.14 2.36
C VAL B 446 -15.24 29.33 2.25
N THR B 447 -16.21 29.42 3.16
CA THR B 447 -17.17 30.51 3.17
C THR B 447 -16.56 31.71 3.88
N GLN B 448 -16.92 32.90 3.41
CA GLN B 448 -16.51 34.15 4.05
C GLN B 448 -17.62 34.66 4.96
N LEU B 449 -17.26 34.96 6.21
CA LEU B 449 -18.23 35.54 7.13
C LEU B 449 -18.73 36.89 6.64
N THR B 450 -20.02 37.17 6.86
CA THR B 450 -20.48 38.54 6.67
C THR B 450 -20.00 39.38 7.84
N PRO B 451 -19.93 40.71 7.67
CA PRO B 451 -19.56 41.55 8.82
C PRO B 451 -20.43 41.31 10.05
N LYS B 452 -21.74 41.12 9.87
CA LYS B 452 -22.62 40.86 11.00
C LYS B 452 -22.29 39.53 11.68
N GLN B 453 -21.98 38.51 10.90
CA GLN B 453 -21.62 37.21 11.48
C GLN B 453 -20.30 37.29 12.24
N ALA B 454 -19.30 37.96 11.66
CA ALA B 454 -18.02 38.10 12.33
C ALA B 454 -18.19 38.84 13.65
N GLU B 455 -19.01 39.90 13.66
CA GLU B 455 -19.31 40.59 14.91
C GLU B 455 -20.03 39.66 15.89
N TYR B 456 -20.93 38.82 15.38
CA TYR B 456 -21.73 37.96 16.25
C TYR B 456 -20.86 36.98 17.03
N ILE B 457 -19.83 36.41 16.38
CA ILE B 457 -18.96 35.45 17.07
C ILE B 457 -17.67 36.07 17.58
N GLY B 458 -17.45 37.36 17.34
CA GLY B 458 -16.33 38.06 17.91
C GLY B 458 -15.01 37.84 17.22
N VAL B 459 -15.01 37.71 15.89
CA VAL B 459 -13.78 37.48 15.14
C VAL B 459 -13.70 38.49 14.00
N SER B 460 -12.48 38.64 13.48
CA SER B 460 -12.31 39.36 12.22
C SER B 460 -12.74 38.46 11.07
N VAL B 461 -13.24 39.09 10.00
CA VAL B 461 -13.59 38.34 8.80
C VAL B 461 -12.39 37.56 8.26
N GLU B 462 -11.18 38.09 8.45
CA GLU B 462 -9.98 37.42 7.95
C GLU B 462 -9.43 36.38 8.92
N GLY B 463 -10.03 36.25 10.10
CA GLY B 463 -9.48 35.39 11.13
C GLY B 463 -8.41 36.13 11.93
N PRO B 464 -7.86 35.47 12.95
CA PRO B 464 -8.08 34.06 13.32
C PRO B 464 -9.48 33.80 13.82
N PHE B 465 -9.93 32.57 13.62
CA PHE B 465 -11.32 32.22 13.87
C PHE B 465 -11.54 31.56 15.22
N LYS B 466 -10.49 31.18 15.92
CA LYS B 466 -10.60 30.43 17.16
C LYS B 466 -9.64 31.03 18.16
N PRO B 467 -9.94 30.93 19.45
CA PRO B 467 -8.95 31.33 20.46
C PRO B 467 -7.79 30.34 20.49
N ASP B 468 -6.66 30.80 21.02
CA ASP B 468 -5.49 29.92 21.09
C ASP B 468 -5.75 28.65 21.89
N THR B 469 -6.74 28.66 22.78
CA THR B 469 -7.07 27.49 23.58
C THR B 469 -7.81 26.42 22.81
N TYR B 470 -8.24 26.69 21.58
CA TYR B 470 -9.12 25.75 20.88
C TYR B 470 -8.35 24.52 20.44
N ARG B 471 -8.98 23.35 20.60
CA ARG B 471 -8.30 22.07 20.39
C ARG B 471 -8.61 21.42 19.04
N TYR B 472 -9.61 21.91 18.31
CA TYR B 472 -10.00 21.31 17.02
C TYR B 472 -10.34 19.82 17.18
#